data_6PHW
#
_entry.id   6PHW
#
_cell.length_a   90.909
_cell.length_b   127.193
_cell.length_c   151.530
_cell.angle_alpha   90.000
_cell.angle_beta   90.000
_cell.angle_gamma   90.000
#
_symmetry.space_group_name_H-M   'I 2 2 2'
#
loop_
_entity.id
_entity.type
_entity.pdbx_description
1 polymer Alpha-galactosidase
2 branched alpha-D-galactopyranose-(1-6)-alpha-D-glucopyranose
3 non-polymer 'L(+)-TARTARIC ACID'
4 non-polymer 1,2-ETHANEDIOL
5 water water
#
_entity_poly.entity_id   1
_entity_poly.type   'polypeptide(L)'
_entity_poly.pdbx_seq_one_letter_code
;MGSSHHHHHHSSGLVPRGSHMGVRIENNLFYVESKNLSLIIENRNGYLLLKHLGKTIKNYKGSNSVYERDHAFSGNPTAT
NRTFSLDTQRQIFGQHGLGDFRKPTIQVQHSVTEVTDFRFVEAKILKGQNGPQGLPSPHSMDDTETLVLMLEDSKAQLSL
TLYYTTFNNDATIASYSKLDNNSNQEVVIHKDFSFMADFPAADYEIVTLQGAYAREKTVRRQQVEQGIFSISSNRGASGH
AQTPALLLCEQGVTEDAGNVFAIQLMYSGNFEAFVQKNQLNEVRVAIGINPENFSWKLAPEEYFETPVALVTHSDQGLTG
ISHESQNFVLKHIMLSEFSKKERPILINNWEATYFDFQREKLLELADEAKKVGIELFVLDDGWFGNRFDDNRALGDWVVN
EEKLGGSLESLISAIHERGLQFGLWLEPEMISVDSDLYRQHPDWAIQVPGYEHTYSRNQLVLNLANPQVVEYLKSVLDQL
LFYHDIDYIKWNMNRNITKLGNGLTYLETQMQSHQYMLGLYELVSYLTEKHSHILFESCSGGGGRNDLGMMRYFPQVWAS
DNTDAIARLPIQYGSSYLYPTISMGAHVSAVPNHQMGRMTPLETRGLVAMMGNLGYELDLTNLSDEEKATIANQVNLYKE
LRPVVQLGQQYRLINPDTVSNEAAVQFNYGNQTIVTYVRVLSVVETMETTLKLKDLDEEGLYKLQENGEVYSGAELMYAG
LTVILSQGDFLSRQYIFRKL
;
_entity_poly.pdbx_strand_id   A
#
loop_
_chem_comp.id
_chem_comp.type
_chem_comp.name
_chem_comp.formula
EDO non-polymer 1,2-ETHANEDIOL 'C2 H6 O2'
GLA D-saccharide, alpha linking alpha-D-galactopyranose 'C6 H12 O6'
GLC D-saccharide, alpha linking alpha-D-glucopyranose 'C6 H12 O6'
TLA non-polymer 'L(+)-TARTARIC ACID' 'C4 H6 O6'
#
# COMPACT_ATOMS: atom_id res chain seq x y z
N HIS A 20 5.69 1.79 -29.76
CA HIS A 20 4.36 2.46 -29.75
C HIS A 20 3.39 1.74 -28.79
N MET A 21 2.59 2.55 -28.08
CA MET A 21 1.83 2.07 -26.93
C MET A 21 0.38 2.52 -26.99
N GLY A 22 -0.47 1.87 -26.17
CA GLY A 22 -1.92 1.98 -26.19
C GLY A 22 -2.58 0.64 -26.55
N VAL A 23 -3.77 0.71 -27.13
CA VAL A 23 -4.59 -0.46 -27.35
C VAL A 23 -4.79 -0.63 -28.86
N ARG A 24 -4.74 -1.89 -29.30
CA ARG A 24 -4.94 -2.25 -30.69
C ARG A 24 -5.85 -3.49 -30.76
N ILE A 25 -6.75 -3.52 -31.76
CA ILE A 25 -7.67 -4.62 -32.06
C ILE A 25 -7.37 -5.07 -33.49
N GLU A 26 -6.84 -6.28 -33.62
CA GLU A 26 -6.41 -6.80 -34.91
C GLU A 26 -7.03 -8.18 -35.09
N ASN A 27 -8.08 -8.27 -35.90
CA ASN A 27 -8.84 -9.51 -36.05
C ASN A 27 -9.33 -9.95 -34.67
N ASN A 28 -8.88 -11.12 -34.21
CA ASN A 28 -9.40 -11.69 -32.96
C ASN A 28 -8.42 -11.51 -31.81
N LEU A 29 -7.42 -10.63 -31.99
CA LEU A 29 -6.43 -10.35 -30.95
C LEU A 29 -6.65 -8.93 -30.45
N PHE A 30 -6.53 -8.81 -29.12
CA PHE A 30 -6.50 -7.52 -28.45
C PHE A 30 -5.11 -7.34 -27.84
N TYR A 31 -4.45 -6.23 -28.19
CA TYR A 31 -3.15 -5.87 -27.62
C TYR A 31 -3.34 -4.71 -26.64
N VAL A 32 -2.98 -4.93 -25.37
CA VAL A 32 -2.86 -3.86 -24.39
C VAL A 32 -1.38 -3.59 -24.16
N GLU A 33 -0.88 -2.44 -24.61
CA GLU A 33 0.54 -2.16 -24.69
C GLU A 33 0.92 -0.96 -23.81
N SER A 34 1.46 -1.23 -22.59
CA SER A 34 2.20 -0.25 -21.81
C SER A 34 3.68 -0.29 -22.20
N LYS A 35 4.46 0.63 -21.62
CA LYS A 35 5.90 0.66 -21.84
C LYS A 35 6.46 -0.68 -21.38
N ASN A 36 6.88 -1.52 -22.35
CA ASN A 36 7.66 -2.73 -22.10
C ASN A 36 6.79 -3.80 -21.46
N LEU A 37 5.47 -3.65 -21.56
CA LEU A 37 4.60 -4.69 -21.04
C LEU A 37 3.34 -4.77 -21.90
N SER A 38 3.07 -5.99 -22.38
CA SER A 38 1.93 -6.29 -23.23
C SER A 38 1.04 -7.36 -22.60
N LEU A 39 -0.27 -7.17 -22.75
CA LEU A 39 -1.28 -8.20 -22.52
C LEU A 39 -1.98 -8.44 -23.85
N ILE A 40 -1.84 -9.67 -24.35
CA ILE A 40 -2.40 -10.05 -25.63
C ILE A 40 -3.48 -11.09 -25.35
N ILE A 41 -4.70 -10.77 -25.80
CA ILE A 41 -5.90 -11.54 -25.54
C ILE A 41 -6.49 -11.96 -26.89
N GLU A 42 -6.97 -13.20 -26.97
CA GLU A 42 -7.63 -13.71 -28.16
C GLU A 42 -9.09 -13.93 -27.81
N ASN A 43 -9.98 -13.46 -28.70
CA ASN A 43 -11.38 -13.83 -28.69
C ASN A 43 -11.49 -15.11 -29.51
N ARG A 44 -11.87 -16.18 -28.83
CA ARG A 44 -12.11 -17.47 -29.43
C ARG A 44 -13.58 -17.83 -29.22
N ASN A 45 -14.40 -17.52 -30.24
CA ASN A 45 -15.84 -17.79 -30.24
C ASN A 45 -16.56 -17.34 -28.97
N GLY A 46 -16.22 -16.15 -28.45
CA GLY A 46 -16.86 -15.64 -27.25
C GLY A 46 -16.03 -15.89 -25.98
N TYR A 47 -15.06 -16.81 -26.04
CA TYR A 47 -14.20 -17.07 -24.89
C TYR A 47 -12.93 -16.24 -25.03
N LEU A 48 -12.48 -15.65 -23.91
CA LEU A 48 -11.29 -14.81 -23.93
C LEU A 48 -10.10 -15.62 -23.43
N LEU A 49 -9.05 -15.67 -24.24
CA LEU A 49 -7.86 -16.44 -23.93
C LEU A 49 -6.68 -15.51 -23.68
N LEU A 50 -5.91 -15.80 -22.62
CA LEU A 50 -4.69 -15.07 -22.31
C LEU A 50 -3.60 -15.73 -23.14
N LYS A 51 -3.13 -15.00 -24.15
CA LYS A 51 -2.12 -15.53 -25.06
C LYS A 51 -0.72 -15.16 -24.55
N HIS A 52 -0.57 -13.93 -24.04
CA HIS A 52 0.75 -13.53 -23.55
C HIS A 52 0.62 -12.36 -22.60
N LEU A 53 1.37 -12.42 -21.50
CA LEU A 53 1.52 -11.31 -20.59
C LEU A 53 3.00 -11.22 -20.28
N GLY A 54 3.64 -10.11 -20.65
CA GLY A 54 5.08 -10.00 -20.51
C GLY A 54 5.64 -8.90 -21.40
N LYS A 55 6.92 -9.03 -21.75
CA LYS A 55 7.58 -8.09 -22.65
C LYS A 55 6.84 -7.97 -23.99
N THR A 56 6.99 -6.80 -24.61
CA THR A 56 6.31 -6.36 -25.81
C THR A 56 6.52 -7.34 -26.96
N ILE A 57 5.41 -7.77 -27.57
CA ILE A 57 5.47 -8.54 -28.81
C ILE A 57 4.47 -7.92 -29.79
N LYS A 58 4.97 -7.52 -30.96
CA LYS A 58 4.11 -7.11 -32.06
C LYS A 58 3.96 -8.32 -33.01
N ASN A 59 2.92 -8.30 -33.84
CA ASN A 59 2.61 -9.37 -34.79
C ASN A 59 2.71 -10.73 -34.12
N TYR A 60 1.97 -10.87 -33.02
CA TYR A 60 1.97 -12.10 -32.25
C TYR A 60 1.34 -13.20 -33.12
N LYS A 61 1.99 -14.38 -33.19
CA LYS A 61 1.48 -15.47 -34.02
C LYS A 61 0.91 -16.62 -33.17
N GLY A 62 1.53 -16.92 -32.03
CA GLY A 62 1.00 -17.97 -31.17
C GLY A 62 1.97 -19.12 -30.93
N SER A 63 3.27 -18.82 -30.86
CA SER A 63 4.27 -19.83 -30.57
C SER A 63 3.99 -20.53 -29.24
N ASN A 64 3.37 -19.81 -28.30
CA ASN A 64 3.18 -20.35 -26.95
C ASN A 64 1.71 -20.69 -26.68
N SER A 65 0.95 -20.96 -27.75
CA SER A 65 -0.44 -21.34 -27.64
C SER A 65 -0.56 -22.63 -26.86
N VAL A 66 -1.65 -22.76 -26.12
CA VAL A 66 -1.97 -24.01 -25.46
C VAL A 66 -2.19 -25.06 -26.54
N TYR A 67 -1.62 -26.24 -26.34
CA TYR A 67 -1.92 -27.36 -27.21
C TYR A 67 -3.20 -28.05 -26.76
N GLU A 68 -4.19 -28.07 -27.67
CA GLU A 68 -5.52 -28.58 -27.36
C GLU A 68 -5.52 -30.10 -27.44
N ARG A 69 -5.72 -30.73 -26.28
CA ARG A 69 -5.92 -32.17 -26.29
C ARG A 69 -6.99 -32.56 -25.28
N ASP A 70 -7.34 -33.84 -25.36
CA ASP A 70 -8.28 -34.40 -24.43
C ASP A 70 -7.55 -34.61 -23.11
N HIS A 71 -7.88 -33.79 -22.11
CA HIS A 71 -7.42 -34.01 -20.74
C HIS A 71 -8.54 -34.67 -19.92
N ALA A 72 -8.23 -35.79 -19.24
CA ALA A 72 -9.30 -36.55 -18.61
C ALA A 72 -9.97 -35.68 -17.54
N PHE A 73 -11.31 -35.69 -17.52
CA PHE A 73 -12.12 -35.02 -16.51
C PHE A 73 -12.11 -33.51 -16.73
N SER A 74 -11.49 -33.06 -17.82
CA SER A 74 -11.64 -31.68 -18.25
C SER A 74 -12.70 -31.60 -19.35
N GLY A 75 -13.85 -31.03 -18.99
CA GLY A 75 -15.05 -31.09 -19.81
C GLY A 75 -15.17 -29.94 -20.81
N ASN A 76 -16.26 -29.96 -21.58
CA ASN A 76 -16.32 -29.24 -22.85
C ASN A 76 -17.66 -28.54 -23.02
N PRO A 77 -17.68 -27.35 -23.68
CA PRO A 77 -18.92 -26.66 -24.01
C PRO A 77 -19.84 -27.34 -25.04
N THR A 78 -19.26 -28.17 -25.92
CA THR A 78 -20.01 -28.95 -26.90
C THR A 78 -19.72 -30.44 -26.69
N ALA A 79 -20.60 -31.32 -27.18
CA ALA A 79 -20.52 -32.77 -26.96
C ALA A 79 -19.34 -33.40 -27.71
N THR A 80 -19.03 -32.89 -28.91
CA THR A 80 -18.22 -33.65 -29.84
C THR A 80 -16.75 -33.21 -29.86
N ASN A 81 -16.42 -32.13 -29.16
CA ASN A 81 -15.05 -31.66 -29.17
C ASN A 81 -14.46 -31.78 -27.77
N ARG A 82 -13.68 -32.85 -27.56
CA ARG A 82 -13.14 -33.15 -26.24
C ARG A 82 -11.85 -32.34 -25.96
N THR A 83 -11.33 -31.63 -26.97
CA THR A 83 -10.00 -31.00 -26.87
C THR A 83 -10.09 -29.55 -26.42
N PHE A 84 -11.27 -28.90 -26.56
CA PHE A 84 -11.44 -27.55 -26.02
C PHE A 84 -12.08 -27.62 -24.63
N SER A 85 -11.35 -27.14 -23.63
CA SER A 85 -11.89 -27.16 -22.28
C SER A 85 -11.47 -25.89 -21.55
N LEU A 86 -12.41 -25.26 -20.85
CA LEU A 86 -12.08 -24.12 -20.00
C LEU A 86 -11.31 -24.57 -18.76
N ASP A 87 -11.16 -25.89 -18.57
CA ASP A 87 -10.27 -26.40 -17.54
C ASP A 87 -8.80 -26.23 -17.93
N THR A 88 -8.53 -26.10 -19.25
CA THR A 88 -7.16 -26.19 -19.77
C THR A 88 -6.75 -24.95 -20.55
N GLN A 89 -7.69 -24.04 -20.84
CA GLN A 89 -7.36 -22.83 -21.55
C GLN A 89 -6.86 -21.79 -20.53
N ARG A 90 -5.83 -21.02 -20.90
CA ARG A 90 -5.39 -19.86 -20.13
C ARG A 90 -6.32 -18.67 -20.38
N GLN A 91 -6.76 -18.01 -19.30
CA GLN A 91 -7.86 -17.05 -19.31
C GLN A 91 -7.52 -15.81 -18.50
N ILE A 92 -8.41 -14.81 -18.55
CA ILE A 92 -8.19 -13.57 -17.82
C ILE A 92 -9.28 -13.34 -16.78
N PHE A 93 -10.30 -14.21 -16.74
CA PHE A 93 -11.29 -14.24 -15.67
C PHE A 93 -11.82 -15.67 -15.57
N GLY A 94 -12.27 -16.05 -14.39
CA GLY A 94 -12.56 -17.44 -14.07
C GLY A 94 -14.00 -17.60 -13.66
N GLN A 95 -14.65 -18.61 -14.24
CA GLN A 95 -16.00 -18.98 -13.86
C GLN A 95 -15.99 -20.41 -13.35
N HIS A 96 -17.02 -20.72 -12.57
CA HIS A 96 -17.22 -22.05 -12.03
C HIS A 96 -18.48 -22.64 -12.66
N GLY A 97 -18.38 -23.89 -13.14
CA GLY A 97 -19.55 -24.63 -13.57
C GLY A 97 -19.63 -24.86 -15.08
N LEU A 98 -18.61 -24.41 -15.82
CA LEU A 98 -18.57 -24.53 -17.27
C LEU A 98 -17.47 -25.51 -17.66
N GLY A 99 -16.87 -26.16 -16.66
CA GLY A 99 -15.81 -27.13 -16.88
C GLY A 99 -14.46 -26.68 -16.32
N ASP A 100 -14.28 -25.38 -16.08
CA ASP A 100 -13.06 -24.92 -15.42
C ASP A 100 -13.21 -25.08 -13.92
N PHE A 101 -12.27 -25.82 -13.31
CA PHE A 101 -12.34 -26.09 -11.88
C PHE A 101 -11.33 -25.28 -11.04
N ARG A 102 -10.56 -24.42 -11.70
CA ARG A 102 -9.69 -23.51 -10.99
C ARG A 102 -10.55 -22.50 -10.24
N LYS A 103 -9.94 -21.87 -9.22
CA LYS A 103 -10.66 -20.90 -8.41
C LYS A 103 -11.28 -19.82 -9.29
N PRO A 104 -12.59 -19.51 -9.14
CA PRO A 104 -13.23 -18.48 -9.96
C PRO A 104 -13.04 -17.07 -9.40
N THR A 105 -13.11 -16.07 -10.29
CA THR A 105 -12.95 -14.67 -9.92
C THR A 105 -14.20 -13.83 -10.18
N ILE A 106 -15.20 -14.41 -10.88
CA ILE A 106 -16.53 -13.85 -11.00
C ILE A 106 -17.56 -14.94 -10.70
N GLN A 107 -18.46 -14.67 -9.75
CA GLN A 107 -19.48 -15.65 -9.42
C GLN A 107 -20.75 -14.90 -8.98
N VAL A 108 -21.85 -15.10 -9.73
CA VAL A 108 -23.07 -14.32 -9.55
C VAL A 108 -24.29 -15.24 -9.40
N GLN A 109 -25.04 -15.05 -8.30
CA GLN A 109 -26.30 -15.76 -8.09
C GLN A 109 -27.41 -15.01 -8.83
N HIS A 110 -28.26 -15.76 -9.54
CA HIS A 110 -29.46 -15.24 -10.20
C HIS A 110 -30.43 -16.40 -10.36
N SER A 111 -31.70 -16.19 -10.01
CA SER A 111 -32.66 -17.30 -10.08
C SER A 111 -32.14 -18.46 -9.21
N VAL A 112 -32.17 -19.69 -9.72
CA VAL A 112 -31.90 -20.87 -8.89
C VAL A 112 -30.43 -21.30 -8.95
N THR A 113 -29.55 -20.44 -9.52
CA THR A 113 -28.19 -20.85 -9.85
C THR A 113 -27.15 -19.76 -9.56
N GLU A 114 -25.88 -20.15 -9.49
CA GLU A 114 -24.80 -19.18 -9.55
C GLU A 114 -23.85 -19.53 -10.68
N VAL A 115 -24.37 -20.26 -11.68
CA VAL A 115 -23.71 -20.45 -12.97
C VAL A 115 -24.00 -19.23 -13.84
N THR A 116 -22.92 -18.58 -14.30
CA THR A 116 -23.00 -17.67 -15.43
C THR A 116 -22.17 -18.25 -16.56
N ASP A 117 -22.39 -17.68 -17.75
CA ASP A 117 -21.58 -17.96 -18.92
C ASP A 117 -21.45 -16.67 -19.70
N PHE A 118 -20.55 -15.80 -19.23
CA PHE A 118 -20.29 -14.55 -19.92
C PHE A 118 -19.50 -14.80 -21.20
N ARG A 119 -20.02 -14.27 -22.33
CA ARG A 119 -19.38 -14.42 -23.63
C ARG A 119 -19.05 -13.03 -24.15
N PHE A 120 -17.90 -12.92 -24.82
CA PHE A 120 -17.48 -11.64 -25.38
C PHE A 120 -18.44 -11.25 -26.50
N VAL A 121 -18.93 -10.00 -26.49
CA VAL A 121 -19.80 -9.54 -27.56
C VAL A 121 -19.18 -8.38 -28.35
N GLU A 122 -18.39 -7.52 -27.70
CA GLU A 122 -17.93 -6.30 -28.35
C GLU A 122 -16.77 -5.69 -27.57
N ALA A 123 -15.80 -5.11 -28.28
CA ALA A 123 -14.71 -4.35 -27.69
C ALA A 123 -14.74 -2.88 -28.14
N LYS A 124 -14.43 -1.95 -27.21
CA LYS A 124 -14.20 -0.53 -27.45
C LYS A 124 -12.83 -0.11 -26.90
N ILE A 125 -12.34 1.05 -27.34
CA ILE A 125 -11.11 1.60 -26.80
C ILE A 125 -11.43 3.01 -26.29
N LEU A 126 -11.13 3.31 -25.02
CA LEU A 126 -11.19 4.68 -24.50
C LEU A 126 -9.81 5.32 -24.50
N LYS A 127 -9.77 6.67 -24.48
CA LYS A 127 -8.55 7.40 -24.20
C LYS A 127 -8.74 8.18 -22.91
N GLY A 128 -7.67 8.30 -22.10
CA GLY A 128 -7.62 9.21 -20.97
C GLY A 128 -8.37 8.73 -19.72
N GLN A 129 -8.61 9.66 -18.79
CA GLN A 129 -9.10 9.38 -17.45
C GLN A 129 -10.22 8.35 -17.49
N ASN A 130 -10.22 7.42 -16.53
CA ASN A 130 -11.17 6.33 -16.57
C ASN A 130 -10.97 5.53 -15.29
N GLY A 131 -12.05 5.17 -14.59
CA GLY A 131 -11.90 4.39 -13.38
C GLY A 131 -13.23 4.11 -12.69
N PRO A 132 -13.29 3.20 -11.69
CA PRO A 132 -14.54 2.91 -11.01
C PRO A 132 -14.94 4.12 -10.16
N GLN A 133 -16.25 4.31 -10.00
CA GLN A 133 -16.79 5.40 -9.18
C GLN A 133 -16.65 5.00 -7.70
N GLY A 134 -16.07 5.91 -6.91
CA GLY A 134 -16.17 5.83 -5.46
C GLY A 134 -15.02 5.02 -4.85
N LEU A 135 -14.05 4.65 -5.70
CA LEU A 135 -12.90 3.83 -5.34
C LEU A 135 -11.62 4.50 -5.84
N PRO A 136 -10.48 4.47 -5.11
CA PRO A 136 -9.26 5.16 -5.55
C PRO A 136 -8.73 4.54 -6.85
N SER A 137 -8.38 5.38 -7.83
CA SER A 137 -7.89 4.86 -9.10
C SER A 137 -6.77 5.74 -9.65
N PRO A 138 -5.99 5.30 -10.66
CA PRO A 138 -4.88 6.11 -11.17
C PRO A 138 -5.25 7.53 -11.60
N HIS A 139 -4.30 8.47 -11.43
CA HIS A 139 -4.45 9.81 -11.96
C HIS A 139 -3.36 10.06 -12.99
N SER A 140 -3.36 11.27 -13.58
CA SER A 140 -2.46 11.63 -14.66
C SER A 140 -2.58 10.61 -15.79
N MET A 141 -3.78 10.52 -16.38
CA MET A 141 -4.08 9.48 -17.37
C MET A 141 -4.21 10.01 -18.79
N ASP A 142 -3.74 11.23 -19.04
CA ASP A 142 -3.83 11.84 -20.36
C ASP A 142 -3.30 10.90 -21.43
N ASP A 143 -2.24 10.15 -21.09
CA ASP A 143 -1.54 9.39 -22.11
C ASP A 143 -1.83 7.90 -21.96
N THR A 144 -3.07 7.59 -21.58
CA THR A 144 -3.44 6.20 -21.47
C THR A 144 -4.56 5.89 -22.45
N GLU A 145 -4.77 4.58 -22.66
CA GLU A 145 -5.86 4.06 -23.45
C GLU A 145 -6.41 2.84 -22.70
N THR A 146 -7.72 2.63 -22.80
CA THR A 146 -8.35 1.56 -22.04
C THR A 146 -9.07 0.60 -22.98
N LEU A 147 -8.72 -0.71 -22.90
CA LEU A 147 -9.47 -1.74 -23.61
C LEU A 147 -10.73 -2.08 -22.83
N VAL A 148 -11.89 -2.02 -23.51
CA VAL A 148 -13.20 -2.25 -22.93
C VAL A 148 -13.75 -3.52 -23.55
N LEU A 149 -13.77 -4.62 -22.78
CA LEU A 149 -14.22 -5.90 -23.31
C LEU A 149 -15.60 -6.18 -22.72
N MET A 150 -16.61 -6.09 -23.58
CA MET A 150 -18.00 -6.19 -23.16
C MET A 150 -18.47 -7.64 -23.35
N LEU A 151 -18.79 -8.30 -22.22
CA LEU A 151 -19.26 -9.68 -22.16
C LEU A 151 -20.72 -9.71 -21.72
N GLU A 152 -21.48 -10.73 -22.15
CA GLU A 152 -22.88 -10.85 -21.76
C GLU A 152 -23.24 -12.30 -21.49
N ASP A 153 -24.07 -12.50 -20.47
CA ASP A 153 -24.74 -13.78 -20.27
C ASP A 153 -26.18 -13.57 -20.72
N SER A 154 -26.53 -14.07 -21.89
CA SER A 154 -27.82 -13.67 -22.43
C SER A 154 -28.98 -14.29 -21.64
N LYS A 155 -28.84 -15.53 -21.18
CA LYS A 155 -29.86 -16.16 -20.36
C LYS A 155 -30.07 -15.41 -19.04
N ALA A 156 -28.98 -15.04 -18.34
CA ALA A 156 -29.12 -14.36 -17.06
C ALA A 156 -29.44 -12.88 -17.23
N GLN A 157 -29.18 -12.36 -18.43
CA GLN A 157 -29.34 -10.94 -18.74
C GLN A 157 -28.43 -10.11 -17.84
N LEU A 158 -27.16 -10.51 -17.81
CA LEU A 158 -26.12 -9.77 -17.11
C LEU A 158 -25.04 -9.36 -18.10
N SER A 159 -24.44 -8.20 -17.82
CA SER A 159 -23.26 -7.76 -18.56
C SER A 159 -22.06 -7.74 -17.61
N LEU A 160 -20.93 -8.23 -18.13
CA LEU A 160 -19.66 -8.03 -17.42
C LEU A 160 -18.72 -7.30 -18.38
N THR A 161 -18.15 -6.19 -17.92
CA THR A 161 -17.28 -5.36 -18.74
C THR A 161 -15.90 -5.29 -18.08
N LEU A 162 -14.87 -5.72 -18.83
CA LEU A 162 -13.50 -5.70 -18.35
C LEU A 162 -12.77 -4.53 -18.96
N TYR A 163 -11.97 -3.86 -18.12
CA TYR A 163 -11.17 -2.72 -18.53
C TYR A 163 -9.71 -3.04 -18.25
N TYR A 164 -8.86 -2.73 -19.24
CA TYR A 164 -7.41 -2.81 -19.09
C TYR A 164 -6.80 -1.51 -19.59
N THR A 165 -5.99 -0.85 -18.74
CA THR A 165 -5.47 0.47 -19.07
C THR A 165 -3.96 0.40 -19.25
N THR A 166 -3.48 1.00 -20.34
CA THR A 166 -2.06 1.14 -20.63
C THR A 166 -1.52 2.39 -19.94
N PHE A 167 -0.21 2.38 -19.65
CA PHE A 167 0.51 3.57 -19.24
C PHE A 167 1.70 3.70 -20.17
N ASN A 168 1.97 4.91 -20.65
CA ASN A 168 3.02 5.06 -21.65
C ASN A 168 4.38 5.22 -20.99
N ASN A 169 4.41 5.46 -19.67
CA ASN A 169 5.66 5.81 -19.00
C ASN A 169 6.03 4.77 -17.93
N ASP A 170 5.34 3.62 -17.91
CA ASP A 170 5.55 2.64 -16.86
C ASP A 170 5.13 1.26 -17.36
N ALA A 171 5.86 0.22 -16.91
CA ALA A 171 5.52 -1.16 -17.24
C ALA A 171 4.42 -1.66 -16.30
N THR A 172 3.25 -1.01 -16.39
CA THR A 172 2.09 -1.36 -15.59
C THR A 172 0.85 -1.28 -16.47
N ILE A 173 -0.07 -2.24 -16.24
CA ILE A 173 -1.43 -2.24 -16.73
C ILE A 173 -2.39 -2.29 -15.55
N ALA A 174 -3.45 -1.46 -15.58
CA ALA A 174 -4.46 -1.44 -14.54
C ALA A 174 -5.74 -2.13 -15.01
N SER A 175 -6.44 -2.79 -14.10
CA SER A 175 -7.70 -3.42 -14.46
C SER A 175 -8.77 -3.26 -13.38
N TYR A 176 -10.03 -3.46 -13.80
CA TYR A 176 -11.20 -3.49 -12.95
C TYR A 176 -12.34 -3.91 -13.85
N SER A 177 -13.51 -4.19 -13.28
CA SER A 177 -14.64 -4.63 -14.07
C SER A 177 -15.92 -3.96 -13.59
N LYS A 178 -16.96 -3.99 -14.44
CA LYS A 178 -18.29 -3.53 -14.10
C LYS A 178 -19.30 -4.62 -14.46
N LEU A 179 -20.14 -4.99 -13.47
CA LEU A 179 -21.19 -5.98 -13.63
C LEU A 179 -22.52 -5.24 -13.64
N ASP A 180 -23.31 -5.40 -14.71
CA ASP A 180 -24.62 -4.77 -14.79
C ASP A 180 -25.68 -5.87 -14.72
N ASN A 181 -26.74 -5.61 -13.94
CA ASN A 181 -27.93 -6.45 -13.89
C ASN A 181 -29.00 -5.93 -14.88
N ASN A 182 -29.16 -6.61 -16.02
CA ASN A 182 -30.09 -6.11 -17.02
C ASN A 182 -31.38 -6.92 -16.97
N SER A 183 -31.57 -7.69 -15.90
CA SER A 183 -32.73 -8.57 -15.75
C SER A 183 -33.78 -7.89 -14.87
N ASN A 184 -34.89 -8.62 -14.69
CA ASN A 184 -36.09 -8.15 -13.99
C ASN A 184 -36.07 -8.58 -12.52
N GLN A 185 -35.01 -9.28 -12.08
CA GLN A 185 -34.95 -9.77 -10.69
C GLN A 185 -33.65 -9.32 -10.02
N GLU A 186 -33.66 -9.34 -8.69
CA GLU A 186 -32.47 -9.17 -7.90
C GLU A 186 -31.47 -10.29 -8.17
N VAL A 187 -30.18 -9.93 -8.24
CA VAL A 187 -29.09 -10.89 -8.36
C VAL A 187 -28.05 -10.55 -7.29
N VAL A 188 -27.15 -11.51 -6.99
CA VAL A 188 -26.21 -11.34 -5.90
C VAL A 188 -24.82 -11.76 -6.36
N ILE A 189 -23.86 -10.82 -6.26
CA ILE A 189 -22.45 -11.10 -6.50
C ILE A 189 -21.85 -11.75 -5.25
N HIS A 190 -21.19 -12.89 -5.49
CA HIS A 190 -20.53 -13.67 -4.44
C HIS A 190 -19.00 -13.52 -4.56
N LYS A 191 -18.45 -13.54 -5.79
CA LYS A 191 -17.04 -13.28 -6.03
C LYS A 191 -16.87 -12.31 -7.20
N ASP A 192 -15.97 -11.34 -7.03
CA ASP A 192 -15.64 -10.46 -8.13
C ASP A 192 -14.25 -9.89 -7.89
N PHE A 193 -13.22 -10.60 -8.38
CA PHE A 193 -11.84 -10.15 -8.22
C PHE A 193 -11.56 -9.04 -9.24
N SER A 194 -10.42 -8.35 -9.08
CA SER A 194 -10.11 -7.20 -9.93
C SER A 194 -9.14 -7.57 -11.06
N PHE A 195 -8.43 -8.69 -10.89
CA PHE A 195 -7.46 -9.12 -11.90
C PHE A 195 -7.17 -10.60 -11.72
N MET A 196 -7.03 -11.30 -12.86
CA MET A 196 -6.61 -12.69 -12.85
C MET A 196 -5.68 -12.96 -14.05
N ALA A 197 -4.74 -13.91 -13.88
CA ALA A 197 -3.94 -14.36 -15.00
C ALA A 197 -3.57 -15.84 -14.85
N ASP A 198 -3.77 -16.57 -15.95
CA ASP A 198 -3.31 -17.94 -16.11
C ASP A 198 -1.93 -17.92 -16.77
N PHE A 199 -0.90 -18.35 -16.02
CA PHE A 199 0.47 -18.38 -16.50
C PHE A 199 0.86 -19.81 -16.85
N PRO A 200 1.71 -20.03 -17.88
CA PRO A 200 2.05 -21.36 -18.33
C PRO A 200 2.86 -22.12 -17.28
N ALA A 201 2.68 -23.45 -17.25
CA ALA A 201 3.50 -24.29 -16.40
C ALA A 201 4.99 -23.96 -16.60
N ALA A 202 5.67 -23.75 -15.46
CA ALA A 202 7.09 -23.41 -15.34
C ALA A 202 7.39 -23.37 -13.84
N ASP A 203 8.67 -23.28 -13.45
CA ASP A 203 8.99 -23.14 -12.04
C ASP A 203 8.84 -21.68 -11.65
N TYR A 204 8.10 -21.43 -10.56
CA TYR A 204 7.94 -20.07 -10.08
C TYR A 204 8.21 -19.94 -8.60
N GLU A 205 8.56 -18.72 -8.19
CA GLU A 205 8.53 -18.39 -6.77
C GLU A 205 7.54 -17.25 -6.55
N ILE A 206 7.12 -17.04 -5.30
CA ILE A 206 6.30 -15.89 -5.02
C ILE A 206 6.94 -15.08 -3.90
N VAL A 207 6.86 -13.76 -4.04
CA VAL A 207 7.23 -12.88 -2.95
C VAL A 207 5.96 -12.16 -2.48
N THR A 208 5.80 -12.08 -1.15
CA THR A 208 4.72 -11.31 -0.56
C THR A 208 5.25 -10.48 0.61
N LEU A 209 4.43 -9.53 1.06
CA LEU A 209 4.74 -8.77 2.25
C LEU A 209 3.68 -9.12 3.29
N GLN A 210 4.14 -9.75 4.38
CA GLN A 210 3.29 -10.21 5.45
C GLN A 210 3.74 -9.58 6.77
N GLY A 211 4.06 -10.42 7.76
CA GLY A 211 4.54 -9.88 9.03
C GLY A 211 3.42 -9.74 10.06
N ALA A 212 3.51 -8.67 10.89
CA ALA A 212 2.65 -8.52 12.07
C ALA A 212 2.70 -7.07 12.56
N TYR A 213 1.75 -6.70 13.44
CA TYR A 213 1.90 -5.45 14.14
C TYR A 213 3.31 -5.41 14.73
N ALA A 214 4.00 -4.27 14.55
CA ALA A 214 5.35 -4.01 15.04
C ALA A 214 6.39 -4.85 14.30
N ARG A 215 5.94 -5.55 13.23
CA ARG A 215 6.76 -6.32 12.30
C ARG A 215 6.20 -6.23 10.87
N GLU A 216 5.80 -5.03 10.43
CA GLU A 216 5.00 -4.90 9.22
C GLU A 216 5.82 -5.27 7.99
N LYS A 217 5.13 -5.79 6.97
CA LYS A 217 5.60 -5.94 5.60
C LYS A 217 6.82 -6.85 5.53
N THR A 218 6.85 -7.91 6.35
CA THR A 218 7.96 -8.86 6.29
C THR A 218 7.96 -9.54 4.94
N VAL A 219 9.09 -9.44 4.25
CA VAL A 219 9.23 -9.97 2.90
C VAL A 219 9.24 -11.49 3.01
N ARG A 220 8.28 -12.18 2.37
CA ARG A 220 8.32 -13.64 2.36
C ARG A 220 8.56 -14.10 0.93
N ARG A 221 9.45 -15.09 0.78
CA ARG A 221 9.74 -15.73 -0.50
C ARG A 221 9.56 -17.24 -0.34
N GLN A 222 8.82 -17.87 -1.26
CA GLN A 222 8.68 -19.32 -1.27
C GLN A 222 8.42 -19.82 -2.69
N GLN A 223 8.59 -21.13 -2.84
CA GLN A 223 8.35 -21.91 -4.05
C GLN A 223 6.84 -22.05 -4.27
N VAL A 224 6.40 -21.95 -5.53
CA VAL A 224 5.04 -22.28 -5.89
C VAL A 224 4.88 -23.81 -5.91
N GLU A 225 3.89 -24.33 -5.16
CA GLU A 225 3.65 -25.77 -5.01
C GLU A 225 2.23 -26.09 -5.48
N GLN A 226 2.03 -27.34 -5.89
CA GLN A 226 0.69 -27.78 -6.23
C GLN A 226 -0.25 -27.51 -5.05
N GLY A 227 -1.45 -27.03 -5.41
CA GLY A 227 -2.47 -26.62 -4.47
C GLY A 227 -2.61 -25.10 -4.54
N ILE A 228 -3.08 -24.51 -3.45
CA ILE A 228 -3.45 -23.10 -3.44
C ILE A 228 -2.70 -22.44 -2.29
N PHE A 229 -2.03 -21.32 -2.56
CA PHE A 229 -1.52 -20.45 -1.51
C PHE A 229 -2.27 -19.12 -1.56
N SER A 230 -2.59 -18.54 -0.39
CA SER A 230 -3.22 -17.24 -0.41
C SER A 230 -2.76 -16.40 0.79
N ILE A 231 -2.87 -15.09 0.62
CA ILE A 231 -2.91 -14.13 1.70
C ILE A 231 -4.22 -13.36 1.59
N SER A 232 -4.78 -13.02 2.74
CA SER A 232 -6.07 -12.37 2.74
C SER A 232 -6.24 -11.62 4.05
N SER A 233 -7.17 -10.66 4.00
CA SER A 233 -7.65 -9.99 5.19
C SER A 233 -9.16 -10.15 5.29
N ASN A 234 -9.61 -10.48 6.49
CA ASN A 234 -11.03 -10.52 6.81
C ASN A 234 -11.28 -9.55 7.97
N ARG A 235 -10.42 -8.53 8.07
CA ARG A 235 -10.41 -7.62 9.21
C ARG A 235 -11.08 -6.29 8.89
N GLY A 236 -11.51 -6.13 7.62
CA GLY A 236 -12.21 -4.93 7.20
C GLY A 236 -11.26 -3.77 6.90
N ALA A 237 -9.95 -4.01 7.18
CA ALA A 237 -8.79 -3.27 6.70
C ALA A 237 -7.77 -4.26 6.12
N SER A 238 -6.91 -3.81 5.20
CA SER A 238 -5.91 -4.69 4.61
C SER A 238 -5.06 -5.38 5.68
N GLY A 239 -4.65 -4.65 6.73
CA GLY A 239 -4.14 -5.32 7.92
C GLY A 239 -2.63 -5.21 8.05
N HIS A 240 -2.12 -5.47 9.27
CA HIS A 240 -0.69 -5.40 9.53
C HIS A 240 0.06 -6.58 8.91
N ALA A 241 -0.65 -7.70 8.69
CA ALA A 241 -0.03 -9.00 8.54
C ALA A 241 0.00 -9.44 7.07
N GLN A 242 -0.65 -8.67 6.21
CA GLN A 242 -0.64 -8.91 4.77
C GLN A 242 -0.89 -7.60 4.04
N THR A 243 -0.17 -7.42 2.93
CA THR A 243 -0.27 -6.31 2.01
C THR A 243 -0.94 -6.80 0.73
N PRO A 244 -1.79 -6.00 0.04
CA PRO A 244 -2.43 -6.43 -1.20
C PRO A 244 -1.42 -6.42 -2.37
N ALA A 245 -0.56 -7.44 -2.37
CA ALA A 245 0.52 -7.57 -3.32
C ALA A 245 0.88 -9.04 -3.42
N LEU A 246 1.25 -9.44 -4.63
CA LEU A 246 1.78 -10.78 -4.85
C LEU A 246 2.66 -10.74 -6.09
N LEU A 247 3.93 -11.14 -5.93
CA LEU A 247 4.90 -11.11 -7.01
C LEU A 247 5.12 -12.54 -7.46
N LEU A 248 4.77 -12.84 -8.71
CA LEU A 248 5.09 -14.14 -9.28
C LEU A 248 6.39 -13.98 -10.05
N CYS A 249 7.41 -14.74 -9.64
CA CYS A 249 8.78 -14.57 -10.10
C CYS A 249 9.25 -15.83 -10.82
N GLU A 250 10.11 -15.62 -11.81
CA GLU A 250 10.94 -16.64 -12.43
C GLU A 250 11.78 -17.30 -11.33
N GLN A 251 11.84 -18.64 -11.38
CA GLN A 251 12.72 -19.39 -10.49
C GLN A 251 14.11 -18.76 -10.52
N GLY A 252 14.67 -18.52 -9.33
CA GLY A 252 16.04 -18.06 -9.24
C GLY A 252 16.18 -16.55 -9.39
N VAL A 253 15.05 -15.82 -9.32
CA VAL A 253 15.10 -14.36 -9.41
C VAL A 253 16.09 -13.81 -8.37
N THR A 254 16.83 -12.74 -8.74
CA THR A 254 17.65 -12.04 -7.77
C THR A 254 17.24 -10.56 -7.70
N GLU A 255 17.97 -9.77 -6.89
CA GLU A 255 17.80 -8.33 -6.90
C GLU A 255 18.05 -7.75 -8.30
N ASP A 256 19.03 -8.32 -9.04
CA ASP A 256 19.50 -7.72 -10.27
C ASP A 256 18.91 -8.36 -11.54
N ALA A 257 18.36 -9.58 -11.43
CA ALA A 257 18.00 -10.28 -12.65
C ALA A 257 16.80 -11.21 -12.48
N GLY A 258 16.12 -11.45 -13.60
CA GLY A 258 14.96 -12.34 -13.65
C GLY A 258 13.64 -11.60 -13.85
N ASN A 259 12.63 -12.33 -14.32
CA ASN A 259 11.30 -11.81 -14.56
C ASN A 259 10.46 -11.80 -13.29
N VAL A 260 9.83 -10.65 -13.02
CA VAL A 260 8.89 -10.53 -11.92
C VAL A 260 7.59 -9.89 -12.43
N PHE A 261 6.46 -10.48 -12.02
CA PHE A 261 5.14 -9.90 -12.23
C PHE A 261 4.53 -9.58 -10.87
N ALA A 262 4.31 -8.29 -10.58
CA ALA A 262 3.69 -7.88 -9.34
C ALA A 262 2.23 -7.54 -9.61
N ILE A 263 1.32 -8.24 -8.93
CA ILE A 263 -0.08 -7.87 -8.96
C ILE A 263 -0.44 -7.23 -7.61
N GLN A 264 -1.06 -6.05 -7.68
CA GLN A 264 -1.39 -5.24 -6.51
C GLN A 264 -2.84 -4.74 -6.56
N LEU A 265 -3.40 -4.33 -5.41
CA LEU A 265 -4.80 -3.87 -5.38
C LEU A 265 -4.90 -2.50 -4.73
N MET A 266 -5.61 -1.59 -5.40
CA MET A 266 -5.85 -0.27 -4.83
C MET A 266 -7.10 -0.33 -3.94
N TYR A 267 -6.95 -0.92 -2.75
CA TYR A 267 -8.10 -1.17 -1.91
C TYR A 267 -7.58 -1.38 -0.49
N SER A 268 -8.35 -0.90 0.51
CA SER A 268 -7.88 -0.86 1.88
C SER A 268 -8.76 -1.72 2.78
N GLY A 269 -9.69 -2.47 2.17
CA GLY A 269 -10.61 -3.31 2.93
C GLY A 269 -10.18 -4.78 2.94
N ASN A 270 -11.16 -5.68 2.92
CA ASN A 270 -10.90 -7.11 2.84
C ASN A 270 -10.45 -7.46 1.43
N PHE A 271 -9.32 -8.17 1.33
CA PHE A 271 -8.82 -8.55 0.02
C PHE A 271 -8.33 -9.99 0.09
N GLU A 272 -8.10 -10.59 -1.08
CA GLU A 272 -7.39 -11.86 -1.16
C GLU A 272 -6.43 -11.79 -2.34
N ALA A 273 -5.21 -12.31 -2.14
CA ALA A 273 -4.38 -12.67 -3.28
C ALA A 273 -4.12 -14.18 -3.23
N PHE A 274 -4.22 -14.87 -4.36
CA PHE A 274 -3.97 -16.32 -4.35
C PHE A 274 -3.12 -16.75 -5.55
N VAL A 275 -2.44 -17.89 -5.37
CA VAL A 275 -1.73 -18.57 -6.44
C VAL A 275 -2.18 -20.02 -6.39
N GLN A 276 -2.69 -20.52 -7.50
CA GLN A 276 -3.16 -21.89 -7.57
C GLN A 276 -2.37 -22.60 -8.66
N LYS A 277 -1.70 -23.68 -8.26
CA LYS A 277 -1.08 -24.58 -9.21
C LYS A 277 -1.93 -25.84 -9.32
N ASN A 278 -2.49 -26.05 -10.52
CA ASN A 278 -3.52 -27.07 -10.71
C ASN A 278 -2.85 -28.38 -11.15
N GLN A 279 -3.67 -29.35 -11.58
CA GLN A 279 -3.29 -30.73 -11.81
C GLN A 279 -2.28 -30.89 -12.96
N LEU A 280 -2.22 -29.91 -13.86
CA LEU A 280 -1.39 -29.97 -15.06
C LEU A 280 -0.12 -29.16 -14.85
N ASN A 281 0.03 -28.54 -13.67
CA ASN A 281 1.17 -27.68 -13.32
C ASN A 281 0.94 -26.23 -13.77
N GLU A 282 -0.24 -25.93 -14.32
CA GLU A 282 -0.60 -24.56 -14.66
C GLU A 282 -0.76 -23.73 -13.39
N VAL A 283 -0.63 -22.40 -13.52
CA VAL A 283 -0.62 -21.50 -12.39
C VAL A 283 -1.58 -20.32 -12.64
N ARG A 284 -2.55 -20.15 -11.72
CA ARG A 284 -3.44 -19.01 -11.75
C ARG A 284 -3.06 -18.04 -10.62
N VAL A 285 -3.05 -16.74 -10.91
CA VAL A 285 -2.95 -15.75 -9.83
C VAL A 285 -4.10 -14.77 -9.96
N ALA A 286 -4.56 -14.22 -8.83
CA ALA A 286 -5.64 -13.25 -8.85
C ALA A 286 -5.59 -12.41 -7.56
N ILE A 287 -6.12 -11.18 -7.64
CA ILE A 287 -6.25 -10.29 -6.49
C ILE A 287 -7.59 -9.54 -6.58
N GLY A 288 -8.20 -9.29 -5.42
CA GLY A 288 -9.43 -8.52 -5.37
C GLY A 288 -10.04 -8.49 -3.97
N ILE A 289 -11.28 -7.98 -3.90
CA ILE A 289 -12.09 -7.99 -2.70
C ILE A 289 -12.18 -9.42 -2.20
N ASN A 290 -11.98 -9.61 -0.88
CA ASN A 290 -12.11 -10.93 -0.30
C ASN A 290 -13.54 -11.43 -0.50
N PRO A 291 -13.78 -12.68 -1.00
CA PRO A 291 -15.10 -13.30 -0.89
C PRO A 291 -15.64 -13.43 0.53
N GLU A 292 -14.73 -13.60 1.50
CA GLU A 292 -15.14 -13.60 2.90
C GLU A 292 -15.70 -12.23 3.28
N ASN A 293 -16.90 -12.24 3.88
CA ASN A 293 -17.53 -11.03 4.41
C ASN A 293 -18.06 -10.14 3.29
N PHE A 294 -18.31 -10.74 2.12
CA PHE A 294 -18.79 -10.02 0.95
C PHE A 294 -19.88 -10.78 0.20
N SER A 295 -21.02 -10.09 -0.02
CA SER A 295 -22.02 -10.37 -1.04
C SER A 295 -22.49 -9.02 -1.57
N TRP A 296 -23.00 -8.94 -2.81
CA TRP A 296 -23.48 -7.66 -3.30
C TRP A 296 -24.75 -7.84 -4.13
N LYS A 297 -25.85 -7.33 -3.55
CA LYS A 297 -27.19 -7.27 -4.11
C LYS A 297 -27.20 -6.27 -5.27
N LEU A 298 -27.78 -6.66 -6.42
CA LEU A 298 -28.05 -5.72 -7.48
C LEU A 298 -29.53 -5.81 -7.86
N ALA A 299 -30.25 -4.70 -7.64
CA ALA A 299 -31.61 -4.57 -8.15
C ALA A 299 -31.52 -4.41 -9.66
N PRO A 300 -32.63 -4.60 -10.43
CA PRO A 300 -32.62 -4.35 -11.86
C PRO A 300 -31.96 -3.02 -12.21
N GLU A 301 -31.10 -3.00 -13.23
N GLU A 301 -31.05 -3.08 -13.18
CA GLU A 301 -30.48 -1.80 -13.76
CA GLU A 301 -30.38 -1.94 -13.81
C GLU A 301 -29.28 -1.35 -12.90
C GLU A 301 -29.34 -1.32 -12.87
N GLU A 302 -29.09 -1.95 -11.73
CA GLU A 302 -27.99 -1.56 -10.85
C GLU A 302 -26.67 -2.17 -11.36
N TYR A 303 -25.53 -1.59 -10.97
CA TYR A 303 -24.26 -2.13 -11.41
C TYR A 303 -23.25 -2.15 -10.27
N PHE A 304 -22.22 -3.00 -10.40
CA PHE A 304 -21.12 -3.06 -9.45
C PHE A 304 -19.77 -2.93 -10.16
N GLU A 305 -18.92 -2.04 -9.62
CA GLU A 305 -17.56 -1.88 -10.10
C GLU A 305 -16.57 -2.26 -9.01
N THR A 306 -15.56 -3.04 -9.41
CA THR A 306 -14.54 -3.55 -8.52
C THR A 306 -13.42 -2.53 -8.36
N PRO A 307 -12.60 -2.64 -7.30
CA PRO A 307 -11.42 -1.77 -7.15
C PRO A 307 -10.40 -2.00 -8.26
N VAL A 308 -9.49 -1.05 -8.44
CA VAL A 308 -8.46 -1.18 -9.48
C VAL A 308 -7.37 -2.13 -8.99
N ALA A 309 -7.01 -3.10 -9.85
CA ALA A 309 -5.84 -3.94 -9.70
C ALA A 309 -4.77 -3.45 -10.66
N LEU A 310 -3.51 -3.73 -10.31
CA LEU A 310 -2.36 -3.38 -11.14
C LEU A 310 -1.54 -4.64 -11.43
N VAL A 311 -1.07 -4.76 -12.67
CA VAL A 311 -0.02 -5.72 -12.99
C VAL A 311 1.20 -4.97 -13.53
N THR A 312 2.35 -5.21 -12.86
CA THR A 312 3.59 -4.51 -13.12
C THR A 312 4.66 -5.56 -13.46
N HIS A 313 5.58 -5.22 -14.38
CA HIS A 313 6.56 -6.19 -14.83
C HIS A 313 7.96 -5.62 -14.84
N SER A 314 8.95 -6.46 -14.47
CA SER A 314 10.35 -6.17 -14.70
C SER A 314 11.08 -7.43 -15.16
N ASP A 315 12.15 -7.25 -15.94
CA ASP A 315 13.10 -8.33 -16.18
C ASP A 315 14.43 -8.00 -15.51
N GLN A 316 14.42 -7.02 -14.60
CA GLN A 316 15.63 -6.69 -13.84
C GLN A 316 15.48 -7.09 -12.37
N GLY A 317 14.85 -8.24 -12.10
CA GLY A 317 14.85 -8.77 -10.75
C GLY A 317 14.03 -7.91 -9.78
N LEU A 318 14.32 -8.07 -8.48
CA LEU A 318 13.49 -7.51 -7.43
C LEU A 318 13.73 -6.00 -7.29
N THR A 319 14.96 -5.54 -7.55
CA THR A 319 15.20 -4.11 -7.61
C THR A 319 14.43 -3.49 -8.79
N GLY A 320 14.34 -4.22 -9.90
CA GLY A 320 13.62 -3.78 -11.09
C GLY A 320 12.13 -3.59 -10.80
N ILE A 321 11.55 -4.54 -10.05
CA ILE A 321 10.13 -4.45 -9.77
C ILE A 321 9.92 -3.41 -8.66
N SER A 322 10.85 -3.28 -7.69
CA SER A 322 10.73 -2.18 -6.75
C SER A 322 10.63 -0.85 -7.53
N HIS A 323 11.53 -0.66 -8.51
CA HIS A 323 11.57 0.62 -9.22
C HIS A 323 10.32 0.83 -10.05
N GLU A 324 9.84 -0.21 -10.75
CA GLU A 324 8.65 -0.06 -11.57
C GLU A 324 7.47 0.34 -10.68
N SER A 325 7.39 -0.34 -9.54
CA SER A 325 6.23 -0.16 -8.67
C SER A 325 6.28 1.23 -8.04
N GLN A 326 7.47 1.63 -7.54
CA GLN A 326 7.63 2.94 -6.91
C GLN A 326 7.30 4.06 -7.91
N ASN A 327 7.81 3.94 -9.14
CA ASN A 327 7.58 4.94 -10.16
C ASN A 327 6.09 5.11 -10.45
N PHE A 328 5.41 3.96 -10.63
CA PHE A 328 4.01 4.03 -10.99
C PHE A 328 3.23 4.68 -9.85
N VAL A 329 3.56 4.30 -8.61
CA VAL A 329 2.90 4.88 -7.45
C VAL A 329 3.16 6.39 -7.44
N LEU A 330 4.41 6.80 -7.68
CA LEU A 330 4.77 8.20 -7.54
C LEU A 330 4.03 9.04 -8.59
N LYS A 331 3.90 8.48 -9.80
CA LYS A 331 3.39 9.25 -10.92
C LYS A 331 1.88 9.12 -11.07
N HIS A 332 1.26 8.05 -10.57
CA HIS A 332 -0.12 7.82 -10.99
C HIS A 332 -1.05 7.51 -9.82
N ILE A 333 -0.52 7.40 -8.60
CA ILE A 333 -1.33 7.12 -7.42
C ILE A 333 -1.16 8.25 -6.41
N MET A 334 0.06 8.44 -5.91
CA MET A 334 0.29 9.44 -4.89
C MET A 334 -0.12 10.81 -5.45
N LEU A 335 -0.76 11.64 -4.60
CA LEU A 335 -1.22 12.97 -4.99
C LEU A 335 -0.08 13.78 -5.62
N SER A 336 -0.36 14.39 -6.78
CA SER A 336 0.61 15.17 -7.53
C SER A 336 1.19 16.28 -6.67
N GLU A 337 0.34 16.88 -5.83
CA GLU A 337 0.69 17.96 -4.91
C GLU A 337 1.85 17.57 -4.00
N PHE A 338 2.07 16.26 -3.76
CA PHE A 338 3.04 15.89 -2.75
C PHE A 338 4.09 14.91 -3.24
N SER A 339 3.85 14.31 -4.43
CA SER A 339 4.62 13.13 -4.83
C SER A 339 6.07 13.50 -5.05
N LYS A 340 6.33 14.78 -5.39
CA LYS A 340 7.71 15.19 -5.56
C LYS A 340 8.05 16.35 -4.63
N LYS A 341 7.32 16.48 -3.52
CA LYS A 341 7.53 17.56 -2.58
C LYS A 341 8.25 17.03 -1.35
N GLU A 342 9.39 17.64 -0.99
CA GLU A 342 10.11 17.30 0.22
C GLU A 342 9.14 17.42 1.41
N ARG A 343 9.18 16.43 2.32
CA ARG A 343 8.23 16.39 3.40
C ARG A 343 8.87 17.02 4.65
N PRO A 344 8.08 17.73 5.49
CA PRO A 344 8.68 18.35 6.68
C PRO A 344 9.20 17.37 7.71
N ILE A 345 10.32 17.73 8.33
CA ILE A 345 10.87 17.00 9.46
C ILE A 345 10.03 17.39 10.67
N LEU A 346 9.42 16.39 11.31
CA LEU A 346 8.46 16.71 12.34
C LEU A 346 8.92 16.23 13.72
N ILE A 347 8.24 16.74 14.74
CA ILE A 347 8.24 16.20 16.09
C ILE A 347 6.81 15.76 16.34
N ASN A 348 6.66 14.58 16.96
CA ASN A 348 5.39 14.07 17.43
C ASN A 348 5.53 13.79 18.92
N ASN A 349 4.54 14.18 19.72
CA ASN A 349 4.67 14.08 21.17
C ASN A 349 4.22 12.72 21.72
N TRP A 350 3.65 11.84 20.88
CA TRP A 350 3.03 10.60 21.36
C TRP A 350 3.93 9.81 22.32
N GLU A 351 5.07 9.28 21.83
CA GLU A 351 5.97 8.47 22.66
C GLU A 351 6.55 9.35 23.76
N ALA A 352 6.54 10.67 23.50
CA ALA A 352 7.20 11.68 24.30
C ALA A 352 6.41 11.93 25.58
N THR A 353 5.06 11.92 25.51
CA THR A 353 4.26 12.31 26.67
C THR A 353 3.10 11.35 26.90
N TYR A 354 2.75 10.57 25.85
CA TYR A 354 1.47 9.87 25.84
C TYR A 354 0.34 10.87 26.09
N PHE A 355 -0.63 10.51 26.95
CA PHE A 355 -1.80 11.36 27.13
C PHE A 355 -1.53 12.47 28.13
N ASP A 356 -0.36 12.46 28.78
CA ASP A 356 -0.09 13.35 29.90
C ASP A 356 0.67 14.59 29.42
N PHE A 357 -0.08 15.62 29.01
CA PHE A 357 0.54 16.85 28.55
C PHE A 357 -0.43 18.01 28.82
N GLN A 358 0.08 19.24 28.66
CA GLN A 358 -0.72 20.45 28.74
C GLN A 358 0.02 21.56 27.96
N ARG A 359 -0.58 22.75 27.87
CA ARG A 359 -0.06 23.81 27.03
C ARG A 359 1.43 24.05 27.31
N GLU A 360 1.82 24.19 28.58
CA GLU A 360 3.20 24.50 28.94
C GLU A 360 4.17 23.48 28.31
N LYS A 361 3.91 22.19 28.54
CA LYS A 361 4.75 21.10 28.03
C LYS A 361 4.88 21.16 26.50
N LEU A 362 3.74 21.34 25.80
CA LEU A 362 3.68 21.40 24.35
C LEU A 362 4.59 22.50 23.78
N LEU A 363 4.50 23.72 24.34
CA LEU A 363 5.28 24.86 23.85
C LEU A 363 6.76 24.73 24.21
N GLU A 364 7.04 24.10 25.35
CA GLU A 364 8.41 23.75 25.71
C GLU A 364 8.96 22.78 24.68
N LEU A 365 8.17 21.73 24.38
CA LEU A 365 8.60 20.78 23.36
C LEU A 365 8.82 21.52 22.04
N ALA A 366 7.88 22.41 21.67
CA ALA A 366 8.00 23.20 20.45
C ALA A 366 9.29 24.05 20.43
N ASP A 367 9.59 24.74 21.53
CA ASP A 367 10.79 25.57 21.62
C ASP A 367 12.01 24.72 21.26
N GLU A 368 12.11 23.54 21.88
CA GLU A 368 13.25 22.66 21.68
C GLU A 368 13.27 22.15 20.24
N ALA A 369 12.09 21.79 19.70
CA ALA A 369 12.05 21.33 18.32
C ALA A 369 12.61 22.42 17.41
N LYS A 370 12.23 23.67 17.68
CA LYS A 370 12.66 24.81 16.87
C LYS A 370 14.19 24.95 16.91
N LYS A 371 14.78 24.83 18.12
CA LYS A 371 16.21 24.98 18.33
C LYS A 371 16.99 23.99 17.45
N VAL A 372 16.45 22.79 17.29
CA VAL A 372 17.19 21.75 16.58
C VAL A 372 16.81 21.77 15.11
N GLY A 373 15.90 22.67 14.72
CA GLY A 373 15.64 22.91 13.30
C GLY A 373 14.51 22.04 12.73
N ILE A 374 13.68 21.48 13.61
CA ILE A 374 12.50 20.72 13.23
C ILE A 374 11.49 21.69 12.61
N GLU A 375 10.66 21.21 11.67
CA GLU A 375 9.92 22.10 10.78
C GLU A 375 8.43 22.12 11.12
N LEU A 376 7.95 21.01 11.69
CA LEU A 376 6.53 20.74 11.89
C LEU A 376 6.33 20.06 13.24
N PHE A 377 5.29 20.50 13.95
CA PHE A 377 4.94 20.03 15.29
C PHE A 377 3.56 19.37 15.23
N VAL A 378 3.53 18.08 15.63
CA VAL A 378 2.32 17.29 15.56
C VAL A 378 1.88 17.02 16.98
N LEU A 379 0.69 17.53 17.27
CA LEU A 379 -0.08 17.23 18.46
C LEU A 379 -0.84 15.92 18.25
N ASP A 380 -0.49 14.89 19.03
CA ASP A 380 -1.01 13.56 18.81
C ASP A 380 -2.25 13.39 19.68
N ASP A 381 -2.59 12.13 20.00
CA ASP A 381 -3.81 11.72 20.68
C ASP A 381 -3.89 12.42 22.03
N GLY A 382 -5.11 12.72 22.51
CA GLY A 382 -5.31 13.22 23.86
C GLY A 382 -5.78 14.67 23.95
N TRP A 383 -5.99 15.35 22.82
CA TRP A 383 -6.39 16.77 22.84
C TRP A 383 -7.91 16.98 22.84
N PHE A 384 -8.68 15.92 22.60
CA PHE A 384 -10.12 16.04 22.37
C PHE A 384 -10.90 15.41 23.52
N GLY A 385 -12.19 15.82 23.65
CA GLY A 385 -13.12 15.29 24.64
C GLY A 385 -12.47 15.22 26.02
N ASN A 386 -12.75 14.14 26.76
CA ASN A 386 -11.98 13.86 27.97
C ASN A 386 -11.03 12.70 27.67
N ARG A 387 -10.16 12.86 26.67
CA ARG A 387 -9.28 11.76 26.30
C ARG A 387 -8.02 11.78 27.15
N PHE A 388 -8.13 11.32 28.41
CA PHE A 388 -7.01 11.29 29.35
C PHE A 388 -6.30 9.94 29.27
N ASP A 389 -6.98 8.94 28.68
CA ASP A 389 -6.39 7.64 28.41
C ASP A 389 -7.02 7.08 27.13
N ASP A 390 -6.90 5.78 26.90
CA ASP A 390 -7.37 5.21 25.65
C ASP A 390 -8.62 4.37 25.90
N ASN A 391 -9.43 4.81 26.88
CA ASN A 391 -10.61 4.09 27.33
C ASN A 391 -11.88 4.89 27.08
N ARG A 392 -11.77 6.07 26.45
CA ARG A 392 -12.95 6.91 26.27
C ARG A 392 -12.74 7.96 25.19
N ALA A 393 -13.82 8.68 24.85
CA ALA A 393 -13.81 9.98 24.17
C ALA A 393 -13.72 9.90 22.65
N LEU A 394 -13.32 8.74 22.06
CA LEU A 394 -13.32 8.65 20.61
C LEU A 394 -14.72 8.93 20.09
N GLY A 395 -14.80 9.83 19.11
CA GLY A 395 -16.12 10.20 18.61
C GLY A 395 -16.48 11.63 19.03
N ASP A 396 -15.81 12.15 20.07
CA ASP A 396 -16.02 13.50 20.58
C ASP A 396 -14.87 14.40 20.12
N TRP A 397 -14.96 14.88 18.87
CA TRP A 397 -13.91 15.68 18.25
C TRP A 397 -14.00 17.15 18.67
N VAL A 398 -14.05 17.36 20.00
CA VAL A 398 -14.22 18.68 20.61
C VAL A 398 -12.92 19.00 21.36
N VAL A 399 -12.39 20.20 21.12
CA VAL A 399 -11.13 20.58 21.75
C VAL A 399 -11.29 20.67 23.27
N ASN A 400 -10.33 20.07 23.97
CA ASN A 400 -10.22 20.17 25.42
C ASN A 400 -9.43 21.43 25.74
N GLU A 401 -10.15 22.54 25.87
CA GLU A 401 -9.52 23.85 26.00
C GLU A 401 -8.80 23.99 27.34
N GLU A 402 -9.23 23.20 28.33
CA GLU A 402 -8.58 23.21 29.63
C GLU A 402 -7.18 22.62 29.48
N LYS A 403 -7.12 21.43 28.86
CA LYS A 403 -5.86 20.73 28.66
C LYS A 403 -4.93 21.56 27.75
N LEU A 404 -5.50 22.12 26.68
CA LEU A 404 -4.68 22.90 25.74
C LEU A 404 -4.46 24.33 26.25
N GLY A 405 -4.99 24.69 27.44
CA GLY A 405 -4.75 25.99 28.07
C GLY A 405 -5.33 27.16 27.24
N GLY A 406 -6.47 26.92 26.58
CA GLY A 406 -7.10 27.87 25.68
C GLY A 406 -7.59 27.16 24.41
N SER A 407 -8.03 27.95 23.42
CA SER A 407 -8.54 27.43 22.16
C SER A 407 -7.44 26.73 21.37
N LEU A 408 -7.85 25.83 20.46
CA LEU A 408 -6.90 25.23 19.55
C LEU A 408 -6.28 26.32 18.67
N GLU A 409 -7.12 27.28 18.23
CA GLU A 409 -6.63 28.43 17.47
C GLU A 409 -5.46 29.07 18.21
N SER A 410 -5.59 29.13 19.54
CA SER A 410 -4.60 29.82 20.35
C SER A 410 -3.28 29.03 20.39
N LEU A 411 -3.38 27.70 20.50
CA LEU A 411 -2.20 26.84 20.49
C LEU A 411 -1.49 26.92 19.14
N ILE A 412 -2.26 26.87 18.05
CA ILE A 412 -1.75 26.90 16.70
C ILE A 412 -0.92 28.18 16.44
N SER A 413 -1.48 29.35 16.79
CA SER A 413 -0.77 30.62 16.61
C SER A 413 0.53 30.58 17.40
N ALA A 414 0.45 30.07 18.62
CA ALA A 414 1.63 29.92 19.46
C ALA A 414 2.71 29.12 18.72
N ILE A 415 2.29 28.02 18.08
CA ILE A 415 3.17 27.14 17.33
C ILE A 415 3.63 27.83 16.06
N HIS A 416 2.72 28.51 15.33
CA HIS A 416 3.12 29.23 14.13
C HIS A 416 4.19 30.27 14.46
N GLU A 417 4.01 31.01 15.58
CA GLU A 417 4.89 32.11 15.96
C GLU A 417 6.27 31.57 16.31
N ARG A 418 6.36 30.28 16.65
CA ARG A 418 7.65 29.70 17.02
C ARG A 418 8.38 29.18 15.79
N GLY A 419 7.80 29.41 14.61
CA GLY A 419 8.41 28.99 13.36
C GLY A 419 8.01 27.59 12.92
N LEU A 420 7.00 26.96 13.56
CA LEU A 420 6.72 25.57 13.28
C LEU A 420 5.38 25.44 12.56
N GLN A 421 5.33 24.59 11.54
CA GLN A 421 4.05 24.18 11.00
C GLN A 421 3.32 23.39 12.09
N PHE A 422 1.99 23.20 11.93
CA PHE A 422 1.17 22.55 12.96
C PHE A 422 0.41 21.35 12.38
N GLY A 423 0.42 20.24 13.14
CA GLY A 423 -0.25 19.01 12.74
C GLY A 423 -1.11 18.45 13.86
N LEU A 424 -2.11 17.64 13.51
CA LEU A 424 -3.05 17.16 14.51
C LEU A 424 -3.46 15.72 14.21
N TRP A 425 -3.68 14.94 15.28
CA TRP A 425 -4.07 13.54 15.20
C TRP A 425 -5.58 13.45 15.25
N LEU A 426 -6.14 12.60 14.39
CA LEU A 426 -7.55 12.24 14.40
C LEU A 426 -7.68 10.72 14.36
N GLU A 427 -8.83 10.23 14.84
CA GLU A 427 -9.18 8.83 14.64
C GLU A 427 -10.67 8.73 14.30
N PRO A 428 -11.09 9.20 13.10
CA PRO A 428 -12.49 9.43 12.79
C PRO A 428 -13.43 8.23 12.75
N GLU A 429 -12.87 7.03 12.54
CA GLU A 429 -13.70 5.90 12.16
C GLU A 429 -14.14 5.14 13.42
N MET A 430 -13.85 5.72 14.59
CA MET A 430 -13.99 5.00 15.85
C MET A 430 -14.88 5.76 16.84
N ILE A 431 -15.47 5.00 17.77
CA ILE A 431 -16.34 5.54 18.82
C ILE A 431 -16.12 4.73 20.09
N SER A 432 -15.93 5.44 21.22
CA SER A 432 -15.87 4.80 22.54
C SER A 432 -17.28 4.68 23.11
N VAL A 433 -17.52 3.60 23.88
CA VAL A 433 -18.74 3.45 24.66
C VAL A 433 -18.87 4.68 25.56
N ASP A 434 -17.79 5.04 26.26
CA ASP A 434 -17.77 6.23 27.10
C ASP A 434 -17.44 7.46 26.24
N SER A 435 -18.45 8.02 25.59
CA SER A 435 -18.33 9.20 24.76
C SER A 435 -19.72 9.80 24.62
N ASP A 436 -19.80 11.12 24.35
CA ASP A 436 -21.08 11.76 24.17
C ASP A 436 -21.71 11.22 22.88
N LEU A 437 -20.83 10.94 21.90
CA LEU A 437 -21.31 10.45 20.63
C LEU A 437 -22.04 9.13 20.87
N TYR A 438 -21.43 8.24 21.64
CA TYR A 438 -22.05 6.93 21.83
C TYR A 438 -23.34 7.11 22.64
N ARG A 439 -23.32 8.04 23.61
CA ARG A 439 -24.51 8.34 24.40
C ARG A 439 -25.65 8.85 23.51
N GLN A 440 -25.34 9.67 22.49
CA GLN A 440 -26.36 10.20 21.61
C GLN A 440 -26.76 9.17 20.53
N HIS A 441 -25.81 8.40 19.98
CA HIS A 441 -26.13 7.49 18.88
C HIS A 441 -25.48 6.12 19.07
N PRO A 442 -25.96 5.28 20.01
CA PRO A 442 -25.43 3.91 20.16
C PRO A 442 -25.51 2.99 18.92
N ASP A 443 -26.42 3.30 17.99
CA ASP A 443 -26.70 2.48 16.80
C ASP A 443 -25.70 2.77 15.69
N TRP A 444 -24.82 3.75 15.89
CA TRP A 444 -23.84 4.09 14.87
C TRP A 444 -22.65 3.13 14.92
N ALA A 445 -22.50 2.40 16.03
CA ALA A 445 -21.45 1.41 16.14
C ALA A 445 -21.76 0.19 15.26
N ILE A 446 -20.70 -0.41 14.68
CA ILE A 446 -20.83 -1.73 14.07
C ILE A 446 -21.12 -2.74 15.17
N GLN A 447 -22.23 -3.47 14.99
CA GLN A 447 -22.77 -4.29 16.05
C GLN A 447 -23.85 -5.21 15.49
N VAL A 448 -24.22 -6.20 16.30
CA VAL A 448 -25.22 -7.17 15.92
C VAL A 448 -26.32 -7.03 16.96
N PRO A 449 -27.62 -6.90 16.56
CA PRO A 449 -28.70 -6.82 17.55
C PRO A 449 -28.64 -8.06 18.44
N GLY A 450 -28.65 -7.83 19.76
CA GLY A 450 -28.77 -8.87 20.77
C GLY A 450 -27.44 -9.56 21.08
N TYR A 451 -26.34 -9.04 20.54
CA TYR A 451 -25.02 -9.51 20.96
C TYR A 451 -24.26 -8.36 21.62
N GLU A 452 -23.54 -8.68 22.71
CA GLU A 452 -22.62 -7.76 23.33
C GLU A 452 -21.56 -7.32 22.30
N HIS A 453 -20.95 -6.14 22.53
CA HIS A 453 -19.86 -5.67 21.70
C HIS A 453 -18.65 -6.59 21.86
N THR A 454 -17.91 -6.79 20.76
CA THR A 454 -16.51 -7.18 20.89
C THR A 454 -15.67 -5.90 20.95
N TYR A 455 -14.82 -5.81 21.97
CA TYR A 455 -14.00 -4.63 22.19
C TYR A 455 -12.58 -4.88 21.70
N SER A 456 -11.88 -3.77 21.34
CA SER A 456 -10.50 -3.79 20.89
C SER A 456 -9.84 -2.44 21.20
N ARG A 457 -8.79 -2.39 22.03
CA ARG A 457 -8.32 -1.13 22.64
C ARG A 457 -9.50 -0.37 23.27
N ASN A 458 -10.43 -1.13 23.89
CA ASN A 458 -11.59 -0.58 24.57
C ASN A 458 -12.37 0.42 23.70
N GLN A 459 -12.45 0.18 22.38
CA GLN A 459 -13.19 1.06 21.50
C GLN A 459 -13.98 0.25 20.49
N LEU A 460 -14.93 0.93 19.82
CA LEU A 460 -15.78 0.33 18.80
C LEU A 460 -15.55 1.03 17.47
N VAL A 461 -16.06 0.40 16.39
CA VAL A 461 -15.87 0.92 15.05
C VAL A 461 -17.18 1.60 14.63
N LEU A 462 -17.07 2.80 14.05
CA LEU A 462 -18.26 3.45 13.51
C LEU A 462 -18.65 2.75 12.23
N ASN A 463 -19.97 2.62 12.05
CA ASN A 463 -20.50 2.03 10.84
C ASN A 463 -20.47 3.06 9.71
N LEU A 464 -19.34 3.13 8.98
CA LEU A 464 -19.25 4.07 7.88
C LEU A 464 -20.08 3.63 6.67
N ALA A 465 -20.82 2.51 6.76
CA ALA A 465 -21.78 2.14 5.72
C ALA A 465 -23.09 2.92 5.89
N ASN A 466 -23.26 3.55 7.07
CA ASN A 466 -24.41 4.37 7.39
C ASN A 466 -24.13 5.80 6.88
N PRO A 467 -24.91 6.31 5.89
CA PRO A 467 -24.61 7.60 5.27
C PRO A 467 -24.70 8.76 6.27
N GLN A 468 -25.45 8.56 7.37
CA GLN A 468 -25.55 9.57 8.43
C GLN A 468 -24.20 9.70 9.15
N VAL A 469 -23.49 8.56 9.29
CA VAL A 469 -22.16 8.55 9.92
C VAL A 469 -21.19 9.35 9.07
N VAL A 470 -21.27 9.16 7.75
CA VAL A 470 -20.33 9.82 6.85
C VAL A 470 -20.59 11.32 6.82
N GLU A 471 -21.86 11.68 6.77
CA GLU A 471 -22.25 13.08 6.72
C GLU A 471 -21.81 13.76 8.01
N TYR A 472 -21.97 13.07 9.16
CA TYR A 472 -21.53 13.66 10.42
C TYR A 472 -20.01 13.86 10.43
N LEU A 473 -19.25 12.89 9.90
CA LEU A 473 -17.81 13.03 9.97
C LEU A 473 -17.32 14.10 8.98
N LYS A 474 -17.93 14.17 7.79
CA LYS A 474 -17.61 15.27 6.88
C LYS A 474 -17.80 16.61 7.59
N SER A 475 -18.92 16.74 8.29
CA SER A 475 -19.31 18.02 8.86
C SER A 475 -18.35 18.40 9.98
N VAL A 476 -18.12 17.46 10.91
CA VAL A 476 -17.28 17.73 12.06
C VAL A 476 -15.88 18.11 11.60
N LEU A 477 -15.36 17.40 10.59
CA LEU A 477 -13.95 17.56 10.22
C LEU A 477 -13.76 18.77 9.31
N ASP A 478 -14.69 18.98 8.39
CA ASP A 478 -14.67 20.20 7.61
C ASP A 478 -14.60 21.39 8.57
N GLN A 479 -15.43 21.35 9.62
CA GLN A 479 -15.49 22.43 10.58
C GLN A 479 -14.15 22.63 11.27
N LEU A 480 -13.50 21.52 11.61
CA LEU A 480 -12.23 21.56 12.31
C LEU A 480 -11.16 22.13 11.39
N LEU A 481 -11.14 21.73 10.12
CA LEU A 481 -10.07 22.12 9.22
C LEU A 481 -10.26 23.56 8.73
N PHE A 482 -11.51 24.03 8.54
CA PHE A 482 -11.72 25.40 8.07
C PHE A 482 -11.49 26.40 9.20
N TYR A 483 -11.88 26.06 10.43
CA TYR A 483 -11.76 27.00 11.53
C TYR A 483 -10.37 27.04 12.18
N HIS A 484 -9.41 26.22 11.69
CA HIS A 484 -8.10 26.15 12.31
C HIS A 484 -7.00 26.02 11.25
N ASP A 485 -5.88 26.69 11.50
CA ASP A 485 -4.82 26.78 10.52
C ASP A 485 -3.93 25.54 10.56
N ILE A 486 -4.46 24.37 10.16
CA ILE A 486 -3.73 23.13 10.33
C ILE A 486 -2.99 22.79 9.04
N ASP A 487 -1.70 22.46 9.18
CA ASP A 487 -0.84 22.18 8.03
C ASP A 487 -0.74 20.68 7.75
N TYR A 488 -1.14 19.85 8.72
CA TYR A 488 -0.86 18.43 8.62
C TYR A 488 -1.85 17.67 9.48
N ILE A 489 -2.33 16.54 8.95
CA ILE A 489 -3.22 15.65 9.67
C ILE A 489 -2.56 14.27 9.73
N LYS A 490 -2.68 13.62 10.89
CA LYS A 490 -2.32 12.22 11.07
C LYS A 490 -3.61 11.47 11.34
N TRP A 491 -3.96 10.53 10.44
CA TRP A 491 -5.26 9.89 10.48
C TRP A 491 -5.11 8.44 10.94
N ASN A 492 -5.41 8.17 12.22
CA ASN A 492 -5.22 6.84 12.78
C ASN A 492 -6.51 6.04 12.63
N MET A 493 -6.40 4.72 12.86
CA MET A 493 -7.51 3.78 12.85
C MET A 493 -7.01 2.56 13.62
N ASN A 494 -7.53 2.36 14.84
CA ASN A 494 -6.79 1.51 15.78
C ASN A 494 -7.44 0.16 16.15
N ARG A 495 -8.37 -0.37 15.35
CA ARG A 495 -8.84 -1.74 15.55
C ARG A 495 -9.46 -2.32 14.28
N ASN A 496 -9.77 -3.62 14.31
CA ASN A 496 -10.37 -4.29 13.17
C ASN A 496 -11.87 -4.51 13.43
N ILE A 497 -12.60 -4.91 12.38
CA ILE A 497 -14.06 -4.88 12.42
C ILE A 497 -14.59 -6.24 12.89
N THR A 498 -15.41 -6.20 13.96
CA THR A 498 -16.09 -7.37 14.50
C THR A 498 -17.60 -7.13 14.48
N LYS A 499 -18.40 -8.19 14.70
CA LYS A 499 -19.83 -8.07 15.00
C LYS A 499 -20.61 -7.41 13.86
N LEU A 500 -20.48 -7.99 12.65
CA LEU A 500 -21.22 -7.50 11.48
C LEU A 500 -22.71 -7.85 11.57
N GLY A 501 -23.57 -6.83 11.74
CA GLY A 501 -25.00 -7.09 11.88
C GLY A 501 -25.89 -5.84 11.81
N ASN A 502 -25.44 -4.82 11.05
CA ASN A 502 -26.18 -3.57 11.01
C ASN A 502 -27.17 -3.53 9.84
N GLY A 503 -27.14 -4.54 8.95
CA GLY A 503 -28.07 -4.54 7.84
C GLY A 503 -29.52 -4.75 8.31
N LEU A 504 -30.46 -4.31 7.46
CA LEU A 504 -31.88 -4.61 7.63
C LEU A 504 -32.15 -6.03 7.13
N THR A 505 -31.27 -6.53 6.26
CA THR A 505 -31.29 -7.93 5.87
C THR A 505 -29.87 -8.48 5.97
N TYR A 506 -29.75 -9.81 5.92
CA TYR A 506 -28.47 -10.50 5.84
C TYR A 506 -27.63 -9.96 4.68
N LEU A 507 -28.25 -9.77 3.50
CA LEU A 507 -27.48 -9.30 2.35
C LEU A 507 -26.89 -7.92 2.61
N GLU A 508 -27.58 -7.06 3.37
CA GLU A 508 -27.11 -5.70 3.58
C GLU A 508 -25.92 -5.68 4.54
N THR A 509 -25.94 -6.60 5.51
CA THR A 509 -24.82 -6.83 6.40
C THR A 509 -23.63 -7.35 5.60
N GLN A 510 -23.92 -8.21 4.60
CA GLN A 510 -22.84 -8.78 3.81
C GLN A 510 -22.25 -7.71 2.91
N MET A 511 -23.00 -6.62 2.72
CA MET A 511 -22.56 -5.50 1.93
C MET A 511 -21.81 -4.49 2.79
N GLN A 512 -21.99 -4.50 4.13
CA GLN A 512 -21.61 -3.33 4.90
C GLN A 512 -20.09 -3.15 5.00
N SER A 513 -19.31 -4.23 4.83
CA SER A 513 -17.85 -4.07 4.92
C SER A 513 -17.31 -3.33 3.69
N HIS A 514 -17.85 -3.64 2.50
CA HIS A 514 -17.43 -2.89 1.32
C HIS A 514 -18.02 -1.47 1.31
N GLN A 515 -19.27 -1.33 1.77
CA GLN A 515 -19.89 -0.02 1.91
C GLN A 515 -19.13 0.83 2.93
N TYR A 516 -18.59 0.18 3.97
CA TYR A 516 -17.78 0.92 4.93
C TYR A 516 -16.62 1.57 4.19
N MET A 517 -15.96 0.77 3.34
CA MET A 517 -14.83 1.24 2.55
C MET A 517 -15.26 2.38 1.63
N LEU A 518 -16.41 2.22 0.95
CA LEU A 518 -16.88 3.28 0.04
C LEU A 518 -17.10 4.57 0.82
N GLY A 519 -17.69 4.45 2.03
CA GLY A 519 -17.88 5.56 2.94
C GLY A 519 -16.56 6.22 3.36
N LEU A 520 -15.58 5.39 3.75
CA LEU A 520 -14.24 5.91 4.01
C LEU A 520 -13.71 6.70 2.82
N TYR A 521 -13.78 6.12 1.61
CA TYR A 521 -13.17 6.75 0.44
C TYR A 521 -13.89 8.05 0.07
N GLU A 522 -15.22 8.06 0.22
CA GLU A 522 -16.01 9.28 0.06
C GLU A 522 -15.54 10.33 1.07
N LEU A 523 -15.30 9.90 2.31
CA LEU A 523 -14.96 10.84 3.36
C LEU A 523 -13.58 11.42 3.07
N VAL A 524 -12.62 10.56 2.78
CA VAL A 524 -11.25 11.02 2.74
C VAL A 524 -10.99 11.75 1.43
N SER A 525 -11.65 11.33 0.33
CA SER A 525 -11.45 12.03 -0.93
C SER A 525 -12.01 13.46 -0.82
N TYR A 526 -13.21 13.57 -0.24
CA TYR A 526 -13.78 14.87 0.04
C TYR A 526 -12.81 15.78 0.82
N LEU A 527 -12.28 15.31 1.95
CA LEU A 527 -11.46 16.16 2.82
C LEU A 527 -10.09 16.47 2.20
N THR A 528 -9.44 15.47 1.60
CA THR A 528 -8.14 15.67 0.97
C THR A 528 -8.25 16.67 -0.19
N GLU A 529 -9.38 16.64 -0.90
CA GLU A 529 -9.67 17.51 -2.05
C GLU A 529 -9.98 18.94 -1.60
N LYS A 530 -10.86 19.09 -0.58
CA LYS A 530 -11.30 20.39 -0.09
C LYS A 530 -10.26 21.03 0.82
N HIS A 531 -9.15 20.32 1.10
CA HIS A 531 -8.09 20.87 1.93
C HIS A 531 -6.74 20.37 1.42
N SER A 532 -6.46 20.64 0.15
CA SER A 532 -5.40 19.95 -0.55
C SER A 532 -4.02 20.48 -0.14
N HIS A 533 -3.97 21.63 0.55
CA HIS A 533 -2.72 22.18 1.04
C HIS A 533 -2.22 21.39 2.26
N ILE A 534 -3.13 20.65 2.92
CA ILE A 534 -2.77 19.92 4.13
C ILE A 534 -2.11 18.60 3.73
N LEU A 535 -1.00 18.26 4.36
CA LEU A 535 -0.37 16.95 4.23
C LEU A 535 -1.04 15.97 5.21
N PHE A 536 -1.69 14.95 4.64
CA PHE A 536 -2.36 13.90 5.39
C PHE A 536 -1.46 12.66 5.52
N GLU A 537 -1.22 12.21 6.76
CA GLU A 537 -0.46 10.97 6.98
C GLU A 537 -1.42 9.91 7.49
N SER A 538 -1.52 8.78 6.75
CA SER A 538 -2.37 7.68 7.16
C SER A 538 -1.67 6.87 8.25
N CYS A 539 -2.47 6.18 9.07
CA CYS A 539 -1.94 5.44 10.21
C CYS A 539 -2.97 4.39 10.63
N SER A 540 -2.50 3.27 11.19
CA SER A 540 -3.38 2.25 11.73
C SER A 540 -2.56 1.43 12.71
N GLY A 541 -2.42 1.95 13.93
CA GLY A 541 -1.43 1.41 14.86
C GLY A 541 -0.10 1.19 14.13
N GLY A 542 0.41 2.25 13.52
CA GLY A 542 1.46 2.13 12.52
C GLY A 542 0.91 1.60 11.20
N GLY A 543 1.39 0.41 10.78
CA GLY A 543 1.28 -0.05 9.41
C GLY A 543 0.10 -0.99 9.15
N GLY A 544 -1.00 -0.77 9.88
CA GLY A 544 -2.14 -1.69 9.85
C GLY A 544 -2.99 -1.57 8.58
N ARG A 545 -2.74 -0.54 7.76
CA ARG A 545 -3.56 -0.31 6.57
C ARG A 545 -2.73 0.46 5.56
N ASN A 546 -1.49 -0.02 5.38
CA ASN A 546 -0.55 0.63 4.49
C ASN A 546 -0.65 0.00 3.09
N ASP A 547 -1.58 0.49 2.28
CA ASP A 547 -1.83 -0.07 0.97
C ASP A 547 -2.00 1.08 -0.03
N LEU A 548 -2.24 0.73 -1.30
CA LEU A 548 -2.29 1.68 -2.39
C LEU A 548 -3.65 2.36 -2.48
N GLY A 549 -4.65 1.81 -1.78
CA GLY A 549 -5.92 2.51 -1.66
C GLY A 549 -5.76 3.78 -0.82
N MET A 550 -5.09 3.66 0.32
CA MET A 550 -4.88 4.78 1.24
C MET A 550 -3.92 5.78 0.63
N MET A 551 -2.94 5.29 -0.15
CA MET A 551 -1.86 6.12 -0.66
C MET A 551 -2.31 6.97 -1.86
N ARG A 552 -3.46 6.64 -2.43
CA ARG A 552 -4.13 7.55 -3.36
C ARG A 552 -4.46 8.89 -2.69
N TYR A 553 -4.69 8.90 -1.35
CA TYR A 553 -5.15 10.12 -0.68
C TYR A 553 -4.17 10.66 0.36
N PHE A 554 -3.40 9.76 0.98
CA PHE A 554 -2.48 10.07 2.07
C PHE A 554 -1.06 9.83 1.55
N PRO A 555 -0.31 10.89 1.18
CA PRO A 555 1.01 10.71 0.55
C PRO A 555 2.15 10.23 1.45
N GLN A 556 1.86 9.96 2.73
CA GLN A 556 2.79 9.28 3.62
C GLN A 556 1.98 8.52 4.65
N VAL A 557 2.66 7.62 5.39
CA VAL A 557 2.03 6.64 6.27
C VAL A 557 2.97 6.36 7.44
N TRP A 558 2.40 6.25 8.66
CA TRP A 558 3.23 5.90 9.80
C TRP A 558 3.57 4.40 9.69
N ALA A 559 4.79 4.07 9.26
CA ALA A 559 5.05 2.74 8.72
C ALA A 559 4.91 1.66 9.80
N SER A 560 5.12 2.06 11.07
CA SER A 560 5.12 1.13 12.19
C SER A 560 5.21 1.85 13.54
N ASP A 561 4.44 1.36 14.53
CA ASP A 561 4.61 1.75 15.93
C ASP A 561 5.98 1.32 16.44
N ASN A 562 6.60 0.30 15.81
CA ASN A 562 7.94 -0.09 16.24
C ASN A 562 8.93 0.99 15.79
N THR A 563 9.40 1.82 16.73
CA THR A 563 10.38 2.84 16.39
C THR A 563 11.79 2.41 16.79
N ASP A 564 11.99 1.10 17.08
CA ASP A 564 13.34 0.61 17.34
C ASP A 564 14.19 0.68 16.07
N ALA A 565 15.42 1.18 16.17
CA ALA A 565 16.26 1.34 14.97
C ALA A 565 16.58 0.01 14.30
N ILE A 566 16.75 -1.05 15.08
CA ILE A 566 17.12 -2.35 14.56
C ILE A 566 15.86 -3.09 14.11
N ALA A 567 14.81 -3.08 14.96
CA ALA A 567 13.57 -3.71 14.54
C ALA A 567 13.05 -3.07 13.25
N ARG A 568 13.37 -1.77 13.03
CA ARG A 568 12.91 -1.03 11.86
C ARG A 568 13.51 -1.55 10.55
N LEU A 569 14.68 -2.18 10.61
CA LEU A 569 15.40 -2.57 9.39
C LEU A 569 14.51 -3.43 8.49
N PRO A 570 14.04 -4.63 8.91
CA PRO A 570 13.16 -5.44 8.06
C PRO A 570 11.84 -4.74 7.73
N ILE A 571 11.41 -3.80 8.59
CA ILE A 571 10.13 -3.12 8.41
C ILE A 571 10.24 -2.15 7.24
N GLN A 572 11.39 -1.46 7.13
CA GLN A 572 11.60 -0.46 6.09
C GLN A 572 11.91 -1.18 4.76
N TYR A 573 12.58 -2.32 4.88
CA TYR A 573 12.81 -3.22 3.74
C TYR A 573 11.46 -3.52 3.07
N GLY A 574 10.49 -3.97 3.88
CA GLY A 574 9.18 -4.31 3.34
C GLY A 574 8.36 -3.08 2.92
N SER A 575 8.45 -2.01 3.73
CA SER A 575 7.56 -0.87 3.60
C SER A 575 7.91 -0.06 2.36
N SER A 576 9.14 -0.18 1.88
CA SER A 576 9.53 0.53 0.66
C SER A 576 9.74 -0.46 -0.48
N TYR A 577 9.24 -1.70 -0.34
CA TYR A 577 9.51 -2.71 -1.35
C TYR A 577 8.78 -2.33 -2.63
N LEU A 578 7.51 -1.94 -2.49
CA LEU A 578 6.74 -1.60 -3.66
C LEU A 578 6.32 -0.12 -3.65
N TYR A 579 6.49 0.51 -2.49
CA TYR A 579 6.02 1.88 -2.25
C TYR A 579 7.23 2.82 -2.15
N PRO A 580 7.16 4.08 -2.63
CA PRO A 580 8.36 4.93 -2.61
C PRO A 580 8.76 5.32 -1.18
N THR A 581 10.05 5.57 -0.99
CA THR A 581 10.64 5.90 0.31
C THR A 581 9.95 7.13 0.90
N ILE A 582 9.53 8.06 0.03
CA ILE A 582 8.95 9.34 0.47
C ILE A 582 7.72 9.07 1.33
N SER A 583 7.07 7.94 1.12
CA SER A 583 5.84 7.65 1.85
C SER A 583 6.10 7.18 3.28
N MET A 584 7.35 6.82 3.60
CA MET A 584 7.61 5.89 4.69
C MET A 584 8.02 6.61 5.98
N GLY A 585 7.04 6.98 6.81
CA GLY A 585 7.33 7.67 8.06
C GLY A 585 8.32 6.89 8.92
N ALA A 586 9.32 7.61 9.47
CA ALA A 586 10.31 7.03 10.37
C ALA A 586 10.80 8.10 11.34
N HIS A 587 10.70 7.81 12.64
CA HIS A 587 11.03 8.79 13.68
C HIS A 587 12.12 8.25 14.60
N VAL A 588 13.11 9.10 14.88
CA VAL A 588 14.06 8.88 15.96
C VAL A 588 13.27 8.93 17.26
N SER A 589 13.39 7.88 18.08
CA SER A 589 12.70 7.77 19.36
C SER A 589 13.67 7.55 20.52
N ALA A 590 13.13 7.49 21.74
CA ALA A 590 13.95 7.38 22.96
C ALA A 590 14.48 5.96 23.18
N VAL A 591 15.49 5.88 24.07
CA VAL A 591 16.04 4.63 24.57
C VAL A 591 15.91 4.61 26.09
N PRO A 592 15.72 3.41 26.73
CA PRO A 592 15.48 2.17 26.00
C PRO A 592 14.20 2.23 25.15
N ASN A 593 14.24 1.61 23.96
CA ASN A 593 13.10 1.69 23.05
C ASN A 593 11.83 1.10 23.69
N HIS A 594 10.65 1.69 23.43
CA HIS A 594 9.45 1.35 24.20
C HIS A 594 8.85 0.01 23.76
N GLN A 595 9.15 -0.43 22.54
CA GLN A 595 8.58 -1.69 22.08
C GLN A 595 9.54 -2.86 22.36
N MET A 596 10.86 -2.65 22.15
CA MET A 596 11.84 -3.74 22.15
C MET A 596 12.59 -3.85 23.47
N GLY A 597 12.59 -2.79 24.28
CA GLY A 597 13.32 -2.76 25.54
C GLY A 597 14.84 -2.67 25.33
N ARG A 598 15.29 -1.93 24.29
CA ARG A 598 16.64 -2.02 23.75
C ARG A 598 17.34 -0.65 23.75
N MET A 599 18.65 -0.63 24.12
CA MET A 599 19.52 0.52 23.90
C MET A 599 20.16 0.43 22.50
N THR A 600 20.02 1.49 21.69
CA THR A 600 20.71 1.61 20.41
C THR A 600 21.41 2.97 20.38
N PRO A 601 22.55 3.14 19.65
CA PRO A 601 23.21 4.44 19.51
C PRO A 601 22.27 5.46 18.86
N LEU A 602 22.34 6.72 19.30
CA LEU A 602 21.55 7.79 18.73
C LEU A 602 21.94 7.97 17.26
N GLU A 603 23.21 7.71 16.95
CA GLU A 603 23.65 7.76 15.56
C GLU A 603 22.88 6.74 14.71
N THR A 604 22.69 5.53 15.24
CA THR A 604 22.01 4.49 14.49
C THR A 604 20.53 4.79 14.35
N ARG A 605 19.89 5.29 15.42
CA ARG A 605 18.49 5.68 15.31
C ARG A 605 18.34 6.78 14.24
N GLY A 606 19.27 7.75 14.25
CA GLY A 606 19.30 8.75 13.19
C GLY A 606 19.44 8.13 11.81
N LEU A 607 20.48 7.30 11.61
CA LEU A 607 20.75 6.82 10.26
C LEU A 607 19.63 5.90 9.78
N VAL A 608 19.00 5.13 10.68
CA VAL A 608 17.96 4.23 10.20
C VAL A 608 16.73 5.05 9.79
N ALA A 609 16.36 6.04 10.62
CA ALA A 609 15.20 6.87 10.33
C ALA A 609 15.44 7.70 9.05
N MET A 610 16.72 7.97 8.73
CA MET A 610 17.01 8.81 7.57
C MET A 610 16.97 7.98 6.28
N MET A 611 16.69 6.67 6.39
CA MET A 611 16.45 5.87 5.19
C MET A 611 14.98 5.97 4.80
N GLY A 612 14.22 6.73 5.60
CA GLY A 612 12.82 6.98 5.35
C GLY A 612 12.53 8.48 5.44
N ASN A 613 11.27 8.80 5.75
CA ASN A 613 10.75 10.15 5.84
C ASN A 613 10.86 10.61 7.29
N LEU A 614 11.87 11.45 7.58
CA LEU A 614 12.41 11.65 8.93
C LEU A 614 11.45 12.46 9.78
N GLY A 615 11.22 11.96 10.99
CA GLY A 615 10.73 12.80 12.07
C GLY A 615 11.34 12.35 13.39
N TYR A 616 10.86 12.98 14.48
CA TYR A 616 11.34 12.76 15.84
C TYR A 616 10.15 12.50 16.74
N GLU A 617 10.35 11.65 17.75
CA GLU A 617 9.24 11.29 18.61
C GLU A 617 9.81 10.87 19.96
N LEU A 618 10.28 11.88 20.69
CA LEU A 618 10.82 11.71 22.02
C LEU A 618 10.78 13.06 22.73
N ASP A 619 10.91 13.07 24.05
CA ASP A 619 10.76 14.29 24.81
C ASP A 619 12.05 15.10 24.73
N LEU A 620 12.12 16.04 23.79
CA LEU A 620 13.31 16.84 23.58
C LEU A 620 13.65 17.67 24.83
N THR A 621 12.68 17.88 25.74
CA THR A 621 12.91 18.73 26.91
C THR A 621 13.72 17.97 27.96
N ASN A 622 13.79 16.64 27.82
CA ASN A 622 14.41 15.80 28.82
C ASN A 622 15.77 15.29 28.34
N LEU A 623 16.24 15.78 27.20
CA LEU A 623 17.51 15.32 26.65
C LEU A 623 18.64 16.18 27.24
N SER A 624 19.86 15.62 27.27
CA SER A 624 21.06 16.35 27.65
C SER A 624 21.39 17.40 26.59
N ASP A 625 22.31 18.32 26.91
CA ASP A 625 22.79 19.30 25.95
C ASP A 625 23.42 18.61 24.74
N GLU A 626 24.08 17.47 24.98
CA GLU A 626 24.82 16.72 23.96
C GLU A 626 23.88 16.07 22.95
N GLU A 627 22.80 15.50 23.46
CA GLU A 627 21.83 14.77 22.67
C GLU A 627 21.08 15.75 21.77
N LYS A 628 20.73 16.93 22.32
CA LYS A 628 20.17 18.04 21.57
C LYS A 628 21.13 18.42 20.42
N ALA A 629 22.40 18.65 20.74
CA ALA A 629 23.38 18.99 19.71
C ALA A 629 23.37 17.91 18.61
N THR A 630 23.41 16.63 19.00
CA THR A 630 23.45 15.55 18.02
C THR A 630 22.22 15.61 17.09
N ILE A 631 21.05 15.82 17.69
CA ILE A 631 19.80 15.90 16.93
C ILE A 631 19.83 17.06 15.94
N ALA A 632 20.35 18.23 16.37
CA ALA A 632 20.46 19.38 15.49
C ALA A 632 21.38 19.06 14.30
N ASN A 633 22.45 18.28 14.57
CA ASN A 633 23.37 17.85 13.51
C ASN A 633 22.68 16.89 12.55
N GLN A 634 21.82 16.00 13.07
CA GLN A 634 21.10 15.06 12.25
C GLN A 634 20.10 15.80 11.37
N VAL A 635 19.46 16.82 11.96
CA VAL A 635 18.48 17.61 11.23
C VAL A 635 19.18 18.36 10.11
N ASN A 636 20.34 18.94 10.40
CA ASN A 636 21.20 19.59 9.40
C ASN A 636 21.56 18.59 8.30
N LEU A 637 21.93 17.37 8.68
CA LEU A 637 22.38 16.38 7.70
C LEU A 637 21.20 16.03 6.78
N TYR A 638 20.03 15.77 7.38
CA TYR A 638 18.91 15.29 6.61
C TYR A 638 18.37 16.36 5.66
N LYS A 639 18.40 17.64 6.06
CA LYS A 639 18.02 18.73 5.17
C LYS A 639 18.77 18.63 3.84
N GLU A 640 20.07 18.28 3.92
CA GLU A 640 20.92 17.98 2.78
C GLU A 640 20.54 16.65 2.10
N LEU A 641 20.25 15.60 2.88
CA LEU A 641 20.02 14.28 2.31
C LEU A 641 18.59 14.10 1.82
N ARG A 642 17.67 14.98 2.24
CA ARG A 642 16.25 14.79 2.01
C ARG A 642 15.94 14.58 0.52
N PRO A 643 16.42 15.43 -0.42
CA PRO A 643 16.08 15.23 -1.82
C PRO A 643 16.60 13.88 -2.33
N VAL A 644 17.78 13.48 -1.88
CA VAL A 644 18.40 12.26 -2.36
C VAL A 644 17.53 11.09 -1.90
N VAL A 645 17.09 11.12 -0.64
CA VAL A 645 16.31 10.02 -0.07
C VAL A 645 14.88 10.04 -0.60
N GLN A 646 14.25 11.21 -0.66
CA GLN A 646 12.82 11.27 -0.95
C GLN A 646 12.56 11.32 -2.45
N LEU A 647 13.52 11.85 -3.22
CA LEU A 647 13.26 12.12 -4.62
C LEU A 647 14.10 11.21 -5.49
N GLY A 648 15.11 10.58 -4.89
CA GLY A 648 16.13 9.84 -5.63
C GLY A 648 15.74 8.38 -5.88
N GLN A 649 16.67 7.60 -6.45
CA GLN A 649 16.46 6.20 -6.76
C GLN A 649 17.12 5.32 -5.69
N GLN A 650 16.36 4.37 -5.12
CA GLN A 650 16.77 3.50 -4.02
C GLN A 650 17.35 2.19 -4.57
N TYR A 651 18.49 1.77 -3.99
CA TYR A 651 19.11 0.51 -4.32
C TYR A 651 19.47 -0.22 -3.02
N ARG A 652 18.84 -1.37 -2.81
CA ARG A 652 19.11 -2.25 -1.68
C ARG A 652 20.43 -2.94 -1.96
N LEU A 653 21.35 -2.89 -1.00
CA LEU A 653 22.64 -3.52 -1.22
C LEU A 653 22.78 -4.75 -0.32
N ILE A 654 22.35 -4.63 0.94
CA ILE A 654 22.30 -5.84 1.76
C ILE A 654 20.94 -5.85 2.44
N ASN A 655 20.22 -6.96 2.32
CA ASN A 655 18.86 -7.04 2.80
C ASN A 655 18.82 -7.49 4.26
N PRO A 656 18.07 -6.81 5.14
CA PRO A 656 17.90 -7.27 6.51
C PRO A 656 16.84 -8.36 6.59
N ASP A 657 17.27 -9.59 6.79
CA ASP A 657 16.30 -10.66 6.95
C ASP A 657 16.63 -11.43 8.21
N THR A 658 16.01 -12.59 8.32
CA THR A 658 16.12 -13.49 9.45
C THR A 658 17.56 -13.99 9.63
N VAL A 659 18.33 -14.12 8.54
CA VAL A 659 19.64 -14.75 8.60
C VAL A 659 20.78 -13.73 8.49
N SER A 660 20.47 -12.51 8.02
CA SER A 660 21.47 -11.49 7.77
C SER A 660 21.79 -10.74 9.08
N ASN A 661 23.07 -10.39 9.26
CA ASN A 661 23.48 -9.60 10.42
C ASN A 661 23.62 -8.12 10.02
N GLU A 662 23.13 -7.78 8.81
CA GLU A 662 23.46 -6.51 8.17
C GLU A 662 22.28 -5.93 7.40
N ALA A 663 22.33 -4.61 7.17
CA ALA A 663 21.47 -3.91 6.23
C ALA A 663 22.26 -2.81 5.51
N ALA A 664 22.09 -2.67 4.19
CA ALA A 664 22.66 -1.54 3.48
C ALA A 664 21.78 -1.11 2.32
N VAL A 665 21.51 0.21 2.25
CA VAL A 665 20.68 0.83 1.24
C VAL A 665 21.39 2.06 0.68
N GLN A 666 21.40 2.17 -0.65
CA GLN A 666 21.99 3.27 -1.39
C GLN A 666 20.89 4.13 -2.03
N PHE A 667 21.14 5.44 -2.15
CA PHE A 667 20.26 6.33 -2.91
C PHE A 667 21.10 7.15 -3.88
N ASN A 668 20.71 7.15 -5.16
CA ASN A 668 21.27 8.06 -6.16
C ASN A 668 20.27 9.17 -6.52
N TYR A 669 20.79 10.41 -6.64
CA TYR A 669 19.99 11.53 -7.08
C TYR A 669 20.92 12.55 -7.76
N GLY A 670 20.89 12.57 -9.11
CA GLY A 670 21.84 13.36 -9.86
C GLY A 670 23.27 13.12 -9.38
N ASN A 671 23.93 14.18 -8.89
CA ASN A 671 25.34 14.11 -8.53
C ASN A 671 25.52 13.55 -7.11
N GLN A 672 24.45 13.12 -6.45
CA GLN A 672 24.59 12.68 -5.08
C GLN A 672 24.35 11.17 -4.98
N THR A 673 25.23 10.48 -4.23
CA THR A 673 25.14 9.06 -3.92
C THR A 673 25.45 8.86 -2.44
N ILE A 674 24.47 8.30 -1.70
CA ILE A 674 24.66 8.02 -0.29
C ILE A 674 24.45 6.51 -0.08
N VAL A 675 25.15 5.95 0.92
CA VAL A 675 24.97 4.56 1.29
C VAL A 675 24.92 4.48 2.81
N THR A 676 23.88 3.83 3.35
CA THR A 676 23.80 3.61 4.78
C THR A 676 24.05 2.12 5.04
N TYR A 677 24.88 1.84 6.04
CA TYR A 677 25.20 0.50 6.44
C TYR A 677 24.93 0.35 7.94
N VAL A 678 24.23 -0.74 8.31
CA VAL A 678 24.02 -1.07 9.71
C VAL A 678 24.44 -2.52 9.96
N ARG A 679 25.10 -2.76 11.11
CA ARG A 679 25.37 -4.12 11.54
C ARG A 679 24.59 -4.38 12.82
N VAL A 680 23.86 -5.50 12.88
CA VAL A 680 23.07 -5.80 14.07
C VAL A 680 23.94 -6.35 15.21
N LEU A 681 24.48 -7.56 15.09
CA LEU A 681 25.32 -8.02 16.20
C LEU A 681 26.80 -7.80 15.90
N SER A 682 27.50 -7.36 16.95
CA SER A 682 28.96 -7.30 17.03
C SER A 682 29.54 -8.65 16.60
N VAL A 683 30.66 -8.63 15.86
CA VAL A 683 31.35 -9.84 15.43
C VAL A 683 32.84 -9.70 15.73
N VAL A 684 33.53 -10.84 15.82
CA VAL A 684 34.95 -10.86 16.11
C VAL A 684 35.60 -11.89 15.20
N GLU A 685 36.89 -11.68 14.84
CA GLU A 685 37.65 -12.55 13.96
C GLU A 685 36.79 -12.95 12.76
N THR A 686 36.22 -11.94 12.11
CA THR A 686 35.40 -12.08 10.92
C THR A 686 35.88 -11.04 9.91
N MET A 687 36.26 -11.45 8.69
CA MET A 687 36.74 -10.44 7.75
C MET A 687 35.64 -9.39 7.47
N GLU A 688 36.06 -8.13 7.28
CA GLU A 688 35.16 -7.00 7.00
C GLU A 688 34.39 -7.27 5.71
N THR A 689 33.10 -6.88 5.71
CA THR A 689 32.25 -6.97 4.53
C THR A 689 32.82 -6.10 3.41
N THR A 690 32.69 -6.59 2.17
CA THR A 690 32.92 -5.79 0.99
C THR A 690 31.56 -5.38 0.43
N LEU A 691 31.33 -4.06 0.34
CA LEU A 691 30.03 -3.50 -0.04
C LEU A 691 30.14 -2.76 -1.36
N LYS A 692 29.51 -3.29 -2.41
CA LYS A 692 29.61 -2.70 -3.73
C LYS A 692 28.40 -1.84 -4.01
N LEU A 693 28.60 -0.66 -4.65
CA LEU A 693 27.53 0.26 -5.03
C LEU A 693 26.97 -0.13 -6.39
N LYS A 694 25.78 0.37 -6.73
CA LYS A 694 25.09 0.04 -7.98
C LYS A 694 24.77 1.30 -8.77
N ASP A 695 24.67 1.13 -10.10
CA ASP A 695 24.09 2.11 -11.00
C ASP A 695 24.87 3.43 -10.99
N LEU A 696 26.19 3.33 -11.11
CA LEU A 696 27.04 4.51 -11.27
C LEU A 696 27.60 4.52 -12.70
N ASP A 697 28.22 5.65 -13.08
CA ASP A 697 29.02 5.72 -14.29
C ASP A 697 30.38 5.12 -13.99
N GLU A 698 30.71 4.10 -14.78
CA GLU A 698 31.99 3.44 -14.70
C GLU A 698 33.10 4.47 -14.71
N GLU A 699 32.97 5.46 -15.61
CA GLU A 699 33.99 6.48 -15.85
C GLU A 699 33.79 7.68 -14.92
N GLY A 700 32.63 7.73 -14.23
CA GLY A 700 32.33 8.80 -13.29
C GLY A 700 33.40 8.89 -12.21
N LEU A 701 33.61 10.09 -11.66
CA LEU A 701 34.54 10.26 -10.55
C LEU A 701 33.76 10.64 -9.29
N TYR A 702 33.90 9.80 -8.24
CA TYR A 702 33.07 9.94 -7.04
C TYR A 702 33.94 10.26 -5.83
N LYS A 703 33.70 11.46 -5.28
CA LYS A 703 34.50 11.95 -4.18
C LYS A 703 33.75 11.63 -2.89
N LEU A 704 34.39 10.80 -2.05
CA LEU A 704 33.86 10.37 -0.77
C LEU A 704 34.14 11.48 0.26
N GLN A 705 33.05 11.95 0.89
CA GLN A 705 33.07 13.11 1.76
C GLN A 705 34.00 12.92 2.96
N GLU A 706 34.02 11.73 3.55
CA GLU A 706 34.74 11.58 4.81
C GLU A 706 36.27 11.66 4.60
N ASN A 707 36.80 11.13 3.49
CA ASN A 707 38.26 11.03 3.36
C ASN A 707 38.78 11.88 2.19
N GLY A 708 37.86 12.53 1.46
CA GLY A 708 38.23 13.34 0.31
C GLY A 708 38.69 12.53 -0.90
N GLU A 709 38.77 11.20 -0.78
CA GLU A 709 39.29 10.37 -1.85
C GLU A 709 38.30 10.33 -3.01
N VAL A 710 38.84 10.26 -4.23
CA VAL A 710 38.02 10.17 -5.43
C VAL A 710 38.14 8.77 -6.03
N TYR A 711 36.99 8.10 -6.20
CA TYR A 711 36.90 6.75 -6.75
C TYR A 711 36.09 6.78 -8.05
N SER A 712 36.56 6.05 -9.06
CA SER A 712 35.74 5.89 -10.24
C SER A 712 34.51 5.05 -9.87
N GLY A 713 33.43 5.19 -10.63
CA GLY A 713 32.25 4.38 -10.38
C GLY A 713 32.56 2.88 -10.51
N ALA A 714 33.42 2.54 -11.48
CA ALA A 714 33.86 1.17 -11.67
C ALA A 714 34.41 0.60 -10.37
N GLU A 715 35.24 1.36 -9.65
CA GLU A 715 35.89 0.83 -8.46
C GLU A 715 34.82 0.55 -7.39
N LEU A 716 33.88 1.49 -7.25
CA LEU A 716 32.86 1.44 -6.21
C LEU A 716 31.90 0.30 -6.53
N MET A 717 31.65 0.05 -7.81
CA MET A 717 30.71 -0.99 -8.21
C MET A 717 31.39 -2.37 -8.27
N TYR A 718 32.66 -2.44 -8.69
CA TYR A 718 33.24 -3.75 -9.00
C TYR A 718 34.23 -4.20 -7.92
N ALA A 719 34.80 -3.27 -7.16
CA ALA A 719 35.67 -3.62 -6.05
C ALA A 719 34.93 -3.46 -4.74
N GLY A 720 34.25 -2.31 -4.58
CA GLY A 720 33.42 -2.04 -3.43
C GLY A 720 34.22 -1.51 -2.25
N LEU A 721 33.50 -1.25 -1.15
CA LEU A 721 34.06 -0.67 0.06
C LEU A 721 34.29 -1.75 1.11
N THR A 722 35.53 -1.85 1.62
CA THR A 722 35.75 -2.49 2.91
C THR A 722 35.06 -1.70 4.00
N VAL A 723 34.08 -2.34 4.63
CA VAL A 723 33.23 -1.74 5.64
C VAL A 723 33.87 -2.01 7.01
N ILE A 724 34.26 -0.94 7.70
CA ILE A 724 35.00 -1.01 8.95
C ILE A 724 34.15 -0.51 10.11
N LEU A 725 34.13 -1.26 11.22
CA LEU A 725 33.38 -0.88 12.41
C LEU A 725 34.18 -1.28 13.65
N SER A 726 33.98 -0.54 14.74
CA SER A 726 34.45 -0.93 16.06
C SER A 726 33.70 -2.17 16.54
N GLN A 727 34.04 -2.64 17.76
CA GLN A 727 33.31 -3.67 18.50
C GLN A 727 32.01 -3.05 19.04
N GLY A 728 30.91 -3.80 18.96
CA GLY A 728 29.67 -3.36 19.56
C GLY A 728 28.47 -3.67 18.68
N ASP A 729 27.29 -3.66 19.30
CA ASP A 729 26.05 -3.98 18.61
C ASP A 729 25.44 -2.71 18.00
N PHE A 730 24.69 -2.92 16.90
CA PHE A 730 23.83 -1.91 16.32
C PHE A 730 24.62 -0.68 15.91
N LEU A 731 25.87 -0.87 15.45
CA LEU A 731 26.61 0.25 14.93
C LEU A 731 26.19 0.50 13.47
N SER A 732 26.40 1.73 13.01
CA SER A 732 26.03 2.10 11.66
C SER A 732 27.08 3.04 11.06
N ARG A 733 27.09 3.16 9.74
CA ARG A 733 27.77 4.30 9.13
C ARG A 733 27.17 4.67 7.78
N GLN A 734 27.50 5.89 7.36
CA GLN A 734 27.02 6.45 6.11
C GLN A 734 28.22 6.89 5.28
N TYR A 735 28.21 6.51 4.00
CA TYR A 735 29.18 7.03 3.04
C TYR A 735 28.45 8.00 2.11
N ILE A 736 28.99 9.21 1.93
CA ILE A 736 28.39 10.23 1.09
C ILE A 736 29.35 10.52 -0.05
N PHE A 737 28.82 10.52 -1.28
CA PHE A 737 29.63 10.71 -2.48
C PHE A 737 29.09 11.87 -3.31
N ARG A 738 30.01 12.72 -3.82
CA ARG A 738 29.63 13.67 -4.85
C ARG A 738 30.31 13.26 -6.16
N LYS A 739 29.51 13.11 -7.23
CA LYS A 739 30.05 12.92 -8.57
C LYS A 739 30.60 14.25 -9.05
N LEU A 740 31.85 14.27 -9.55
CA LEU A 740 32.54 15.53 -9.82
C LEU A 740 32.17 16.09 -11.20
C1 GLC B . 0.69 2.26 21.63
C2 GLC B . -0.10 1.18 22.37
C3 GLC B . -0.61 0.13 21.40
C4 GLC B . -1.57 0.82 20.43
C5 GLC B . -0.84 1.96 19.71
C6 GLC B . -1.76 2.80 18.84
O1 GLC B . 1.81 1.67 21.00
O2 GLC B . 0.75 0.54 23.31
O3 GLC B . -1.24 -0.92 22.11
O4 GLC B . -1.92 -0.12 19.41
O5 GLC B . -0.10 2.85 20.58
O6 GLC B . -0.86 3.54 18.17
C1 GLA B . -1.54 4.54 17.37
C2 GLA B . -0.59 5.22 16.39
C3 GLA B . 0.48 5.79 17.28
C4 GLA B . -0.15 6.80 18.27
C5 GLA B . -1.29 6.23 19.09
C6 GLA B . -2.13 7.30 19.81
O2 GLA B . -0.05 4.30 15.45
O3 GLA B . 1.36 6.50 16.44
O4 GLA B . -0.64 7.88 17.50
O5 GLA B . -2.15 5.58 18.18
O6 GLA B . -3.08 6.63 20.68
O1 TLA C . -3.16 14.44 -9.84
O11 TLA C . -2.84 14.29 -7.66
C1 TLA C . -3.57 14.23 -8.68
C2 TLA C . -5.03 13.92 -8.53
O2 TLA C . -5.64 13.96 -9.82
C3 TLA C . -5.69 14.94 -7.56
O3 TLA C . -5.55 16.30 -8.04
C4 TLA C . -7.11 14.56 -7.27
O4 TLA C . -8.05 15.33 -7.64
O41 TLA C . -7.31 13.49 -6.63
O1 TLA D . 20.56 -10.64 0.38
O11 TLA D . 21.17 -8.60 0.02
C1 TLA D . 21.12 -9.79 -0.37
C2 TLA D . 21.80 -10.23 -1.70
O2 TLA D . 23.20 -9.90 -1.69
C3 TLA D . 21.08 -9.82 -3.03
O3 TLA D . 21.90 -9.51 -4.20
C4 TLA D . 20.07 -10.93 -3.38
O4 TLA D . 19.68 -11.17 -4.59
O41 TLA D . 19.68 -11.58 -2.39
C1 EDO E . 0.62 -15.41 -18.97
O1 EDO E . 0.00 -16.53 -19.62
C2 EDO E . 2.00 -15.17 -19.47
O2 EDO E . 1.97 -15.14 -20.88
C1 EDO F . -7.94 2.78 -14.75
O1 EDO F . -8.55 3.17 -13.53
C2 EDO F . -8.67 1.73 -15.52
O2 EDO F . -7.92 0.52 -15.58
C1 EDO G . -7.84 15.10 29.99
O1 EDO G . -8.86 14.50 29.21
C2 EDO G . -6.49 14.66 29.58
O2 EDO G . -5.51 14.72 30.59
C1 EDO H . 31.17 -4.81 9.71
O1 EDO H . 31.54 -5.89 10.54
C2 EDO H . 31.27 -5.13 8.26
O2 EDO H . 32.61 -5.29 7.88
C1 EDO I . 5.98 -27.36 -12.82
O1 EDO I . 6.18 -28.48 -11.95
C2 EDO I . 6.62 -27.47 -14.16
O2 EDO I . 7.83 -26.75 -14.34
C1 EDO J . 6.52 -23.43 -9.98
O1 EDO J . 7.11 -23.95 -8.78
C2 EDO J . 5.07 -23.69 -10.28
O2 EDO J . 4.72 -24.51 -11.41
C1 EDO K . -6.95 0.05 -33.05
O1 EDO K . -6.57 -1.28 -33.29
C2 EDO K . -8.32 0.22 -33.57
O2 EDO K . -8.26 0.67 -34.90
C1 EDO L . -2.53 16.18 -12.77
O1 EDO L . -2.23 15.36 -13.88
C2 EDO L . -3.95 16.05 -12.33
O2 EDO L . -4.36 14.69 -12.31
C1 EDO M . 6.38 -17.76 -18.48
O1 EDO M . 6.25 -18.23 -19.82
C2 EDO M . 5.89 -16.36 -18.24
O2 EDO M . 6.88 -15.32 -18.26
#